data_2DDL
#
_entry.id   2DDL
#
_entity_poly.entity_id   1
_entity_poly.type   'polypeptide(L)'
_entity_poly.pdbx_seq_one_letter_code
;AFCNLRMCQLSCRKSLGCLLGKCIGDKCKCYGC
;
_entity_poly.pdbx_strand_id   A
#
# COMPACT_ATOMS: atom_id res chain seq x y z
N ALA A 1 -1.93 -0.84 12.18
CA ALA A 1 -1.20 -2.11 12.02
C ALA A 1 -0.53 -2.20 10.66
N PHE A 2 0.08 -3.35 10.36
CA PHE A 2 0.75 -3.56 9.09
C PHE A 2 1.92 -2.59 8.93
N CYS A 3 2.95 -3.02 8.21
CA CYS A 3 4.14 -2.20 7.98
C CYS A 3 3.75 -0.81 7.47
N ASN A 4 3.57 0.12 8.39
CA ASN A 4 3.20 1.50 8.03
C ASN A 4 2.03 1.50 7.07
N LEU A 5 0.82 1.39 7.61
CA LEU A 5 -0.40 1.38 6.81
C LEU A 5 -0.62 2.73 6.14
N ARG A 6 -0.83 3.76 6.95
CA ARG A 6 -1.05 5.10 6.43
C ARG A 6 -0.09 5.40 5.28
N MET A 7 1.19 5.42 5.60
CA MET A 7 2.21 5.66 4.59
C MET A 7 1.99 4.75 3.39
N CYS A 8 1.64 3.49 3.68
CA CYS A 8 1.38 2.52 2.61
C CYS A 8 0.35 3.08 1.66
N GLN A 9 -0.75 3.59 2.24
CA GLN A 9 -1.83 4.17 1.46
C GLN A 9 -1.26 5.09 0.40
N LEU A 10 -0.24 5.83 0.80
CA LEU A 10 0.43 6.74 -0.08
C LEU A 10 0.88 6.01 -1.33
N SER A 11 1.66 4.96 -1.10
CA SER A 11 2.18 4.14 -2.20
C SER A 11 1.05 3.73 -3.13
N CYS A 12 -0.13 3.56 -2.57
CA CYS A 12 -1.30 3.20 -3.35
C CYS A 12 -1.83 4.44 -4.04
N ARG A 13 -1.82 5.54 -3.30
CA ARG A 13 -2.28 6.82 -3.83
C ARG A 13 -1.45 7.20 -5.05
N LYS A 14 -0.15 6.97 -4.95
CA LYS A 14 0.76 7.26 -6.05
C LYS A 14 0.73 6.15 -7.09
N SER A 15 0.97 4.93 -6.64
CA SER A 15 0.98 3.77 -7.55
C SER A 15 -0.39 3.57 -8.19
N LEU A 16 -1.38 3.19 -7.38
CA LEU A 16 -2.74 2.97 -7.87
C LEU A 16 -3.75 2.94 -6.73
N GLY A 17 -4.89 3.58 -6.94
CA GLY A 17 -5.93 3.64 -5.92
C GLY A 17 -6.62 2.35 -5.70
N CYS A 18 -5.85 1.37 -5.27
CA CYS A 18 -6.45 0.13 -4.91
C CYS A 18 -6.27 -0.12 -3.46
N LEU A 19 -7.28 0.30 -2.82
CA LEU A 19 -7.46 0.22 -1.39
C LEU A 19 -6.94 -1.10 -0.81
N LEU A 20 -7.04 -2.17 -1.58
CA LEU A 20 -6.59 -3.48 -1.13
C LEU A 20 -5.22 -3.82 -1.71
N GLY A 21 -4.50 -4.68 -1.00
CA GLY A 21 -3.18 -5.08 -1.45
C GLY A 21 -2.38 -5.81 -0.39
N LYS A 22 -1.07 -5.74 -0.54
CA LYS A 22 -0.15 -6.38 0.38
C LYS A 22 0.96 -5.44 0.84
N CYS A 23 1.38 -5.61 2.08
CA CYS A 23 2.44 -4.79 2.66
C CYS A 23 3.69 -5.61 2.92
N ILE A 24 4.85 -4.97 2.86
CA ILE A 24 6.11 -5.64 3.10
C ILE A 24 6.98 -4.79 3.97
N GLY A 25 8.01 -5.42 4.42
CA GLY A 25 9.02 -4.84 5.27
C GLY A 25 8.83 -3.40 5.43
N ASP A 26 9.02 -2.83 4.30
CA ASP A 26 8.89 -1.42 4.08
C ASP A 26 8.26 -1.18 2.74
N LYS A 27 7.73 -2.26 2.16
CA LYS A 27 7.10 -2.19 0.88
C LYS A 27 5.62 -2.30 0.97
N CYS A 28 5.04 -2.06 -0.15
CA CYS A 28 3.59 -2.10 -0.31
C CYS A 28 3.21 -2.36 -1.78
N LYS A 29 2.09 -3.04 -1.97
CA LYS A 29 1.62 -3.36 -3.32
C LYS A 29 0.11 -3.58 -3.32
N CYS A 30 -0.61 -2.69 -3.98
CA CYS A 30 -2.07 -2.79 -4.08
C CYS A 30 -2.45 -3.93 -5.02
N TYR A 31 -3.75 -4.21 -5.17
CA TYR A 31 -4.21 -5.23 -6.03
C TYR A 31 -4.89 -4.62 -7.23
N GLY A 32 -5.83 -5.35 -7.82
CA GLY A 32 -6.56 -4.82 -8.94
C GLY A 32 -7.75 -4.03 -8.46
N CYS A 33 -7.65 -3.46 -7.25
CA CYS A 33 -8.75 -2.67 -6.68
C CYS A 33 -9.95 -3.56 -6.37
N ALA A 1 3.07 -8.20 12.47
CA ALA A 1 3.53 -6.81 12.74
C ALA A 1 3.48 -5.97 11.46
N PHE A 2 2.45 -5.13 11.35
CA PHE A 2 2.29 -4.26 10.19
C PHE A 2 3.48 -3.32 10.05
N CYS A 3 3.74 -2.89 8.82
CA CYS A 3 4.84 -1.99 8.55
C CYS A 3 4.34 -0.68 7.94
N ASN A 4 3.81 0.18 8.81
CA ASN A 4 3.28 1.48 8.39
C ASN A 4 2.57 1.38 7.04
N LEU A 5 1.36 0.86 7.08
CA LEU A 5 0.56 0.70 5.87
C LEU A 5 -0.19 1.98 5.53
N ARG A 6 -0.66 2.68 6.56
CA ARG A 6 -1.40 3.93 6.38
C ARG A 6 -0.73 4.77 5.30
N MET A 7 0.49 5.18 5.55
CA MET A 7 1.24 5.98 4.60
C MET A 7 1.31 5.26 3.26
N CYS A 8 1.46 3.95 3.30
CA CYS A 8 1.53 3.16 2.08
C CYS A 8 0.27 3.38 1.27
N GLN A 9 -0.87 3.42 1.95
CA GLN A 9 -2.15 3.65 1.30
C GLN A 9 -2.04 4.82 0.34
N LEU A 10 -1.32 5.84 0.80
CA LEU A 10 -1.08 7.02 0.01
C LEU A 10 -0.53 6.62 -1.34
N SER A 11 0.56 5.87 -1.30
CA SER A 11 1.22 5.38 -2.51
C SER A 11 0.21 4.77 -3.46
N CYS A 12 -0.84 4.21 -2.90
CA CYS A 12 -1.90 3.62 -3.70
C CYS A 12 -2.74 4.72 -4.30
N ARG A 13 -3.11 5.68 -3.45
CA ARG A 13 -3.93 6.81 -3.88
C ARG A 13 -3.27 7.51 -5.07
N LYS A 14 -1.96 7.68 -4.99
CA LYS A 14 -1.20 8.33 -6.05
C LYS A 14 -0.93 7.35 -7.19
N SER A 15 -0.33 6.21 -6.85
CA SER A 15 -0.01 5.19 -7.85
C SER A 15 -1.27 4.65 -8.54
N LEU A 16 -2.12 3.97 -7.76
CA LEU A 16 -3.36 3.40 -8.31
C LEU A 16 -4.55 3.71 -7.41
N GLY A 17 -5.45 4.56 -7.92
CA GLY A 17 -6.64 4.94 -7.16
C GLY A 17 -7.32 3.80 -6.49
N CYS A 18 -7.14 2.58 -6.93
CA CYS A 18 -7.79 1.56 -6.20
C CYS A 18 -7.10 1.34 -4.89
N LEU A 19 -7.70 1.97 -3.95
CA LEU A 19 -7.27 1.98 -2.56
C LEU A 19 -7.32 0.58 -1.95
N LEU A 20 -6.19 -0.12 -1.99
CA LEU A 20 -6.09 -1.46 -1.44
C LEU A 20 -4.68 -2.01 -1.63
N GLY A 21 -4.24 -2.90 -0.72
CA GLY A 21 -2.93 -3.47 -0.82
C GLY A 21 -2.50 -4.17 0.44
N LYS A 22 -1.19 -4.25 0.61
CA LYS A 22 -0.61 -4.90 1.78
C LYS A 22 0.89 -4.60 1.89
N CYS A 23 1.36 -4.48 3.12
CA CYS A 23 2.77 -4.20 3.37
C CYS A 23 3.49 -5.46 3.80
N ILE A 24 4.80 -5.49 3.55
CA ILE A 24 5.63 -6.63 3.90
C ILE A 24 6.90 -6.16 4.53
N GLY A 25 7.59 -7.13 5.05
CA GLY A 25 8.86 -6.98 5.70
C GLY A 25 9.42 -5.64 5.54
N ASP A 26 9.68 -5.43 4.30
CA ASP A 26 10.23 -4.20 3.80
C ASP A 26 9.54 -3.87 2.49
N LYS A 27 8.46 -4.59 2.22
CA LYS A 27 7.72 -4.40 1.03
C LYS A 27 6.42 -3.69 1.30
N CYS A 28 5.83 -3.34 0.21
CA CYS A 28 4.54 -2.63 0.20
C CYS A 28 4.05 -2.44 -1.22
N LYS A 29 2.79 -2.78 -1.46
CA LYS A 29 2.21 -2.63 -2.78
C LYS A 29 0.71 -2.90 -2.78
N CYS A 30 -0.01 -2.19 -3.64
CA CYS A 30 -1.45 -2.34 -3.75
C CYS A 30 -1.81 -3.77 -4.13
N TYR A 31 -3.10 -4.10 -4.08
CA TYR A 31 -3.56 -5.39 -4.40
C TYR A 31 -3.92 -5.50 -5.88
N GLY A 32 -3.25 -4.72 -6.71
CA GLY A 32 -3.53 -4.72 -8.14
C GLY A 32 -4.96 -4.29 -8.42
N CYS A 33 -5.60 -3.65 -7.43
CA CYS A 33 -6.97 -3.19 -7.59
C CYS A 33 -7.91 -4.37 -7.82
N ALA A 1 4.09 -7.73 11.93
CA ALA A 1 4.55 -6.33 12.10
C ALA A 1 4.36 -5.53 10.82
N PHE A 2 3.26 -4.78 10.75
CA PHE A 2 2.97 -3.97 9.57
C PHE A 2 4.07 -2.95 9.33
N CYS A 3 4.20 -2.53 8.08
CA CYS A 3 5.22 -1.54 7.70
C CYS A 3 4.57 -0.27 7.18
N ASN A 4 4.15 0.59 8.10
CA ASN A 4 3.51 1.85 7.73
C ASN A 4 2.41 1.63 6.70
N LEU A 5 1.24 1.22 7.18
CA LEU A 5 0.10 0.96 6.31
C LEU A 5 -0.45 2.26 5.73
N ARG A 6 -0.92 3.14 6.62
CA ARG A 6 -1.49 4.42 6.18
C ARG A 6 -0.61 5.03 5.11
N MET A 7 0.63 5.34 5.46
CA MET A 7 1.56 5.93 4.50
C MET A 7 1.56 5.12 3.21
N CYS A 8 1.55 3.79 3.36
CA CYS A 8 1.52 2.91 2.20
C CYS A 8 0.34 3.28 1.32
N GLN A 9 -0.82 3.40 1.95
CA GLN A 9 -2.05 3.78 1.24
C GLN A 9 -1.75 4.90 0.28
N LEU A 10 -0.94 5.84 0.75
CA LEU A 10 -0.54 6.97 -0.03
C LEU A 10 0.09 6.50 -1.32
N SER A 11 1.12 5.68 -1.18
CA SER A 11 1.83 5.11 -2.32
C SER A 11 0.88 4.32 -3.21
N CYS A 12 -0.20 3.84 -2.61
CA CYS A 12 -1.20 3.08 -3.31
C CYS A 12 -2.01 3.99 -4.22
N ARG A 13 -2.29 5.19 -3.70
CA ARG A 13 -3.06 6.18 -4.43
C ARG A 13 -2.18 6.92 -5.44
N LYS A 14 -0.89 7.00 -5.15
CA LYS A 14 0.05 7.67 -6.04
C LYS A 14 0.35 6.81 -7.26
N SER A 15 1.01 5.68 -7.03
CA SER A 15 1.36 4.77 -8.08
C SER A 15 0.11 4.22 -8.76
N LEU A 16 -0.84 3.76 -7.95
CA LEU A 16 -2.09 3.20 -8.48
C LEU A 16 -3.29 3.91 -7.89
N GLY A 17 -4.48 3.35 -8.10
CA GLY A 17 -5.70 3.96 -7.58
C GLY A 17 -6.45 3.08 -6.66
N CYS A 18 -6.08 1.83 -6.55
CA CYS A 18 -6.78 1.05 -5.59
C CYS A 18 -6.18 1.26 -4.24
N LEU A 19 -6.85 2.12 -3.58
CA LEU A 19 -6.53 2.55 -2.23
C LEU A 19 -6.18 1.37 -1.33
N LEU A 20 -6.78 0.21 -1.62
CA LEU A 20 -6.54 -0.99 -0.84
C LEU A 20 -5.24 -1.66 -1.27
N GLY A 21 -4.67 -2.45 -0.37
CA GLY A 21 -3.45 -3.14 -0.65
C GLY A 21 -2.85 -3.79 0.57
N LYS A 22 -1.54 -3.99 0.51
CA LYS A 22 -0.80 -4.62 1.60
C LYS A 22 0.68 -4.28 1.54
N CYS A 23 1.29 -4.13 2.70
CA CYS A 23 2.70 -3.80 2.80
C CYS A 23 3.52 -5.03 3.16
N ILE A 24 4.79 -5.01 2.78
CA ILE A 24 5.70 -6.10 3.05
C ILE A 24 7.00 -5.58 3.55
N GLY A 25 7.78 -6.52 3.96
CA GLY A 25 9.11 -6.31 4.46
C GLY A 25 9.57 -4.93 4.25
N ASP A 26 9.70 -4.73 2.99
CA ASP A 26 10.10 -3.46 2.43
C ASP A 26 9.28 -3.19 1.18
N LYS A 27 8.24 -3.99 1.01
CA LYS A 27 7.37 -3.86 -0.12
C LYS A 27 6.07 -3.24 0.26
N CYS A 28 5.36 -2.93 -0.78
CA CYS A 28 4.04 -2.31 -0.70
C CYS A 28 3.37 -2.30 -2.06
N LYS A 29 2.13 -2.80 -2.12
CA LYS A 29 1.40 -2.85 -3.37
C LYS A 29 -0.11 -2.92 -3.14
N CYS A 30 -0.85 -2.29 -4.03
CA CYS A 30 -2.31 -2.26 -3.94
C CYS A 30 -2.89 -3.65 -4.19
N TYR A 31 -4.20 -3.78 -4.03
CA TYR A 31 -4.87 -5.02 -4.21
C TYR A 31 -5.49 -5.14 -5.60
N GLY A 32 -6.68 -4.59 -5.76
CA GLY A 32 -7.36 -4.63 -7.04
C GLY A 32 -6.58 -3.94 -8.14
N CYS A 33 -5.65 -3.06 -7.74
CA CYS A 33 -4.84 -2.34 -8.72
C CYS A 33 -3.81 -1.45 -8.03
N ALA A 1 0.83 -7.54 13.17
CA ALA A 1 2.02 -6.78 12.70
C ALA A 1 1.72 -6.01 11.42
N PHE A 2 2.49 -4.95 11.18
CA PHE A 2 2.31 -4.13 9.99
C PHE A 2 3.37 -3.04 9.91
N CYS A 3 3.64 -2.58 8.69
CA CYS A 3 4.63 -1.54 8.47
C CYS A 3 3.98 -0.27 7.92
N ASN A 4 3.44 0.54 8.83
CA ASN A 4 2.77 1.79 8.45
C ASN A 4 1.87 1.58 7.23
N LEU A 5 0.68 1.05 7.47
CA LEU A 5 -0.27 0.78 6.41
C LEU A 5 -0.80 2.08 5.81
N ARG A 6 -1.34 2.94 6.67
CA ARG A 6 -1.89 4.22 6.23
C ARG A 6 -0.97 4.87 5.21
N MET A 7 0.25 5.16 5.63
CA MET A 7 1.23 5.78 4.75
C MET A 7 1.33 4.98 3.45
N CYS A 8 1.33 3.65 3.58
CA CYS A 8 1.40 2.78 2.41
C CYS A 8 0.25 3.12 1.47
N GLN A 9 -0.94 3.25 2.05
CA GLN A 9 -2.14 3.60 1.29
C GLN A 9 -1.83 4.74 0.34
N LEU A 10 -1.07 5.70 0.84
CA LEU A 10 -0.67 6.85 0.08
C LEU A 10 -0.05 6.41 -1.23
N SER A 11 0.95 5.56 -1.11
CA SER A 11 1.66 5.01 -2.27
C SER A 11 0.66 4.40 -3.25
N CYS A 12 -0.41 3.86 -2.70
CA CYS A 12 -1.47 3.24 -3.48
C CYS A 12 -2.34 4.31 -4.11
N ARG A 13 -2.59 5.37 -3.34
CA ARG A 13 -3.40 6.49 -3.82
C ARG A 13 -2.62 7.28 -4.86
N LYS A 14 -1.31 7.38 -4.65
CA LYS A 14 -0.43 8.09 -5.56
C LYS A 14 -0.12 7.24 -6.77
N SER A 15 0.24 5.98 -6.53
CA SER A 15 0.57 5.06 -7.60
C SER A 15 -0.58 4.96 -8.60
N LEU A 16 -1.73 4.47 -8.14
CA LEU A 16 -2.88 4.34 -9.03
C LEU A 16 -4.18 4.10 -8.26
N GLY A 17 -5.25 3.81 -9.01
CA GLY A 17 -6.54 3.54 -8.40
C GLY A 17 -6.61 2.22 -7.74
N CYS A 18 -5.66 2.02 -6.84
CA CYS A 18 -5.71 0.84 -6.06
C CYS A 18 -6.09 1.18 -4.66
N LEU A 19 -7.33 1.01 -4.51
CA LEU A 19 -8.04 1.26 -3.27
C LEU A 19 -7.52 0.37 -2.13
N LEU A 20 -6.76 -0.68 -2.47
CA LEU A 20 -6.24 -1.59 -1.45
C LEU A 20 -4.85 -2.12 -1.81
N GLY A 21 -4.17 -2.60 -0.79
CA GLY A 21 -2.86 -3.16 -0.95
C GLY A 21 -2.37 -3.86 0.29
N LYS A 22 -1.06 -3.95 0.40
CA LYS A 22 -0.42 -4.62 1.53
C LYS A 22 1.04 -4.21 1.69
N CYS A 23 1.47 -4.14 2.93
CA CYS A 23 2.85 -3.78 3.25
C CYS A 23 3.63 -4.98 3.76
N ILE A 24 4.95 -4.94 3.56
CA ILE A 24 5.82 -6.02 3.97
C ILE A 24 7.04 -5.47 4.63
N GLY A 25 7.76 -6.40 5.17
CA GLY A 25 9.00 -6.17 5.85
C GLY A 25 9.48 -4.79 5.66
N ASP A 26 9.78 -4.61 4.43
CA ASP A 26 10.26 -3.36 3.91
C ASP A 26 9.60 -3.11 2.57
N LYS A 27 8.59 -3.91 2.28
CA LYS A 27 7.88 -3.80 1.04
C LYS A 27 6.54 -3.16 1.24
N CYS A 28 5.97 -2.87 0.12
CA CYS A 28 4.65 -2.24 0.02
C CYS A 28 4.17 -2.22 -1.42
N LYS A 29 2.93 -2.64 -1.65
CA LYS A 29 2.38 -2.65 -2.99
C LYS A 29 0.88 -2.96 -2.97
N CYS A 30 0.16 -2.33 -3.88
CA CYS A 30 -1.28 -2.54 -3.98
C CYS A 30 -1.58 -3.96 -4.41
N TYR A 31 -2.86 -4.35 -4.38
CA TYR A 31 -3.24 -5.67 -4.72
C TYR A 31 -4.75 -5.77 -4.91
N GLY A 32 -5.19 -6.73 -5.71
CA GLY A 32 -6.60 -6.91 -5.93
C GLY A 32 -7.22 -5.79 -6.74
N CYS A 33 -6.71 -4.57 -6.58
CA CYS A 33 -7.25 -3.42 -7.30
C CYS A 33 -7.38 -3.74 -8.79
N ALA A 1 1.71 -2.15 13.97
CA ALA A 1 0.58 -2.48 13.06
C ALA A 1 1.00 -2.34 11.60
N PHE A 2 1.62 -3.38 11.06
CA PHE A 2 2.07 -3.37 9.67
C PHE A 2 3.12 -2.29 9.45
N CYS A 3 4.03 -2.54 8.52
CA CYS A 3 5.09 -1.58 8.20
C CYS A 3 4.50 -0.31 7.60
N ASN A 4 3.98 0.56 8.46
CA ASN A 4 3.38 1.81 8.03
C ASN A 4 2.45 1.60 6.84
N LEU A 5 1.23 1.17 7.13
CA LEU A 5 0.24 0.92 6.10
C LEU A 5 -0.37 2.22 5.57
N ARG A 6 -0.81 3.07 6.48
CA ARG A 6 -1.41 4.35 6.10
C ARG A 6 -0.60 5.00 4.98
N MET A 7 0.64 5.31 5.28
CA MET A 7 1.52 5.92 4.29
C MET A 7 1.55 5.07 3.02
N CYS A 8 1.57 3.75 3.19
CA CYS A 8 1.58 2.83 2.07
C CYS A 8 0.40 3.11 1.16
N GLN A 9 -0.77 3.32 1.79
CA GLN A 9 -1.99 3.62 1.05
C GLN A 9 -1.71 4.71 0.02
N LEU A 10 -0.94 5.70 0.47
CA LEU A 10 -0.57 6.82 -0.37
C LEU A 10 -0.01 6.31 -1.68
N SER A 11 0.97 5.43 -1.56
CA SER A 11 1.62 4.83 -2.72
C SER A 11 0.58 4.34 -3.73
N CYS A 12 -0.53 3.84 -3.20
CA CYS A 12 -1.62 3.36 -4.03
C CYS A 12 -2.35 4.55 -4.63
N ARG A 13 -2.59 5.53 -3.77
CA ARG A 13 -3.29 6.75 -4.18
C ARG A 13 -2.52 7.47 -5.29
N LYS A 14 -1.22 7.65 -5.07
CA LYS A 14 -0.38 8.32 -6.05
C LYS A 14 -0.15 7.44 -7.28
N SER A 15 0.33 6.21 -7.04
CA SER A 15 0.59 5.28 -8.14
C SER A 15 -0.65 5.09 -9.02
N LEU A 16 -1.78 4.81 -8.38
CA LEU A 16 -3.03 4.60 -9.12
C LEU A 16 -4.21 5.27 -8.42
N GLY A 17 -4.73 4.60 -7.38
CA GLY A 17 -5.86 5.15 -6.64
C GLY A 17 -6.78 4.11 -6.13
N CYS A 18 -6.62 2.87 -6.53
CA CYS A 18 -7.48 1.90 -5.95
C CYS A 18 -6.97 1.52 -4.60
N LEU A 19 -7.56 2.18 -3.68
CA LEU A 19 -7.30 2.03 -2.26
C LEU A 19 -7.34 0.56 -1.84
N LEU A 20 -6.20 -0.12 -1.96
CA LEU A 20 -6.11 -1.52 -1.60
C LEU A 20 -4.69 -2.04 -1.82
N GLY A 21 -4.16 -2.76 -0.83
CA GLY A 21 -2.83 -3.31 -0.93
C GLY A 21 -2.34 -3.91 0.36
N LYS A 22 -1.02 -3.96 0.49
CA LYS A 22 -0.38 -4.52 1.67
C LYS A 22 1.11 -4.20 1.69
N CYS A 23 1.63 -4.04 2.89
CA CYS A 23 3.04 -3.74 3.08
C CYS A 23 3.80 -4.98 3.53
N ILE A 24 5.09 -5.02 3.22
CA ILE A 24 5.94 -6.15 3.58
C ILE A 24 7.26 -5.65 4.08
N GLY A 25 7.97 -6.60 4.62
CA GLY A 25 9.27 -6.43 5.16
C GLY A 25 9.83 -5.10 4.90
N ASP A 26 10.02 -4.98 3.63
CA ASP A 26 10.53 -3.78 3.01
C ASP A 26 9.75 -3.50 1.76
N LYS A 27 8.65 -4.23 1.61
CA LYS A 27 7.80 -4.08 0.48
C LYS A 27 6.57 -3.28 0.80
N CYS A 28 5.91 -2.96 -0.26
CA CYS A 28 4.67 -2.20 -0.22
C CYS A 28 4.08 -2.06 -1.62
N LYS A 29 2.82 -2.46 -1.79
CA LYS A 29 2.18 -2.36 -3.10
C LYS A 29 0.71 -2.76 -3.02
N CYS A 30 -0.09 -2.15 -3.88
CA CYS A 30 -1.52 -2.42 -3.94
C CYS A 30 -1.75 -3.90 -4.21
N TYR A 31 -2.98 -4.36 -4.02
CA TYR A 31 -3.32 -5.72 -4.23
C TYR A 31 -3.84 -5.95 -5.64
N GLY A 32 -5.12 -5.67 -5.82
CA GLY A 32 -5.74 -5.83 -7.11
C GLY A 32 -6.65 -4.68 -7.44
N CYS A 33 -6.51 -3.58 -6.69
CA CYS A 33 -7.36 -2.41 -6.90
C CYS A 33 -8.83 -2.75 -6.68
N ALA A 1 1.40 -7.19 12.91
CA ALA A 1 2.57 -6.44 12.42
C ALA A 1 2.25 -5.73 11.11
N PHE A 2 2.91 -4.59 10.88
CA PHE A 2 2.69 -3.82 9.67
C PHE A 2 3.81 -2.81 9.46
N CYS A 3 4.03 -2.43 8.21
CA CYS A 3 5.07 -1.46 7.86
C CYS A 3 4.47 -0.21 7.23
N ASN A 4 4.00 0.70 8.08
CA ASN A 4 3.39 1.94 7.61
C ASN A 4 2.26 1.66 6.62
N LEU A 5 1.10 1.33 7.15
CA LEU A 5 -0.07 1.03 6.32
C LEU A 5 -0.65 2.29 5.71
N ARG A 6 -1.21 3.15 6.55
CA ARG A 6 -1.81 4.40 6.09
C ARG A 6 -0.94 5.05 5.03
N MET A 7 0.29 5.37 5.39
CA MET A 7 1.22 5.98 4.44
C MET A 7 1.30 5.14 3.17
N CYS A 8 1.37 3.82 3.34
CA CYS A 8 1.43 2.93 2.20
C CYS A 8 0.23 3.16 1.31
N GLN A 9 -0.95 3.32 1.93
CA GLN A 9 -2.18 3.58 1.19
C GLN A 9 -1.94 4.69 0.18
N LEU A 10 -1.20 5.70 0.61
CA LEU A 10 -0.86 6.81 -0.22
C LEU A 10 -0.28 6.33 -1.53
N SER A 11 0.73 5.48 -1.41
CA SER A 11 1.40 4.90 -2.57
C SER A 11 0.38 4.38 -3.56
N CYS A 12 -0.72 3.86 -3.04
CA CYS A 12 -1.78 3.34 -3.88
C CYS A 12 -2.51 4.50 -4.53
N ARG A 13 -2.82 5.51 -3.73
CA ARG A 13 -3.50 6.70 -4.21
C ARG A 13 -2.71 7.35 -5.34
N LYS A 14 -1.41 7.51 -5.12
CA LYS A 14 -0.54 8.11 -6.12
C LYS A 14 -0.30 7.14 -7.28
N SER A 15 0.14 5.94 -6.95
CA SER A 15 0.40 4.92 -7.98
C SER A 15 -0.86 4.63 -8.80
N LEU A 16 -1.89 4.10 -8.13
CA LEU A 16 -3.14 3.77 -8.80
C LEU A 16 -4.32 4.49 -8.16
N GLY A 17 -4.84 3.92 -7.08
CA GLY A 17 -5.96 4.54 -6.38
C GLY A 17 -6.90 3.57 -5.79
N CYS A 18 -6.69 2.28 -5.97
CA CYS A 18 -7.57 1.40 -5.30
C CYS A 18 -7.06 1.10 -3.94
N LEU A 19 -7.62 1.84 -3.07
CA LEU A 19 -7.37 1.80 -1.68
C LEU A 19 -7.38 0.38 -1.13
N LEU A 20 -6.26 -0.32 -1.27
CA LEU A 20 -6.13 -1.69 -0.78
C LEU A 20 -4.79 -2.30 -1.20
N GLY A 21 -4.27 -3.20 -0.38
CA GLY A 21 -3.01 -3.84 -0.68
C GLY A 21 -2.44 -4.60 0.49
N LYS A 22 -1.13 -4.75 0.46
CA LYS A 22 -0.42 -5.47 1.51
C LYS A 22 1.02 -4.98 1.65
N CYS A 23 1.50 -4.97 2.88
CA CYS A 23 2.87 -4.52 3.16
C CYS A 23 3.76 -5.72 3.50
N ILE A 24 5.05 -5.56 3.23
CA ILE A 24 6.02 -6.61 3.50
C ILE A 24 7.24 -6.02 4.14
N GLY A 25 8.04 -6.94 4.59
CA GLY A 25 9.29 -6.67 5.24
C GLY A 25 9.67 -5.26 5.17
N ASP A 26 9.90 -4.96 3.95
CA ASP A 26 10.27 -3.63 3.51
C ASP A 26 9.54 -3.31 2.24
N LYS A 27 8.56 -4.15 1.92
CA LYS A 27 7.79 -3.99 0.74
C LYS A 27 6.41 -3.48 1.04
N CYS A 28 5.77 -3.14 -0.02
CA CYS A 28 4.41 -2.62 0.01
C CYS A 28 3.86 -2.45 -1.39
N LYS A 29 2.62 -2.89 -1.59
CA LYS A 29 1.98 -2.78 -2.90
C LYS A 29 0.49 -3.08 -2.82
N CYS A 30 -0.27 -2.39 -3.66
CA CYS A 30 -1.72 -2.57 -3.69
C CYS A 30 -2.06 -4.02 -4.01
N TYR A 31 -3.33 -4.38 -3.82
CA TYR A 31 -3.77 -5.71 -4.06
C TYR A 31 -3.91 -5.98 -5.55
N GLY A 32 -5.07 -5.62 -6.10
CA GLY A 32 -5.30 -5.79 -7.51
C GLY A 32 -5.18 -4.46 -8.24
N CYS A 33 -4.73 -3.43 -7.52
CA CYS A 33 -4.57 -2.11 -8.10
C CYS A 33 -3.14 -1.60 -7.94
N ALA A 1 0.65 -4.79 14.23
CA ALA A 1 0.80 -3.55 13.44
C ALA A 1 1.22 -3.84 12.01
N PHE A 2 1.42 -2.80 11.22
CA PHE A 2 1.83 -2.95 9.83
C PHE A 2 2.96 -1.99 9.49
N CYS A 3 3.82 -2.40 8.56
CA CYS A 3 4.94 -1.58 8.13
C CYS A 3 4.46 -0.29 7.48
N ASN A 4 4.10 0.69 8.31
CA ASN A 4 3.62 1.98 7.83
C ASN A 4 2.57 1.80 6.73
N LEU A 5 1.35 1.52 7.13
CA LEU A 5 0.25 1.31 6.20
C LEU A 5 -0.32 2.63 5.71
N ARG A 6 -0.68 3.51 6.64
CA ARG A 6 -1.24 4.81 6.31
C ARG A 6 -0.48 5.44 5.15
N MET A 7 0.80 5.70 5.38
CA MET A 7 1.64 6.29 4.35
C MET A 7 1.62 5.42 3.09
N CYS A 8 1.58 4.10 3.29
CA CYS A 8 1.53 3.18 2.17
C CYS A 8 0.33 3.49 1.30
N GLN A 9 -0.80 3.77 1.96
CA GLN A 9 -2.03 4.11 1.25
C GLN A 9 -1.73 5.13 0.17
N LEU A 10 -0.90 6.09 0.52
CA LEU A 10 -0.50 7.14 -0.38
C LEU A 10 0.00 6.53 -1.68
N SER A 11 0.96 5.63 -1.53
CA SER A 11 1.55 4.94 -2.68
C SER A 11 0.48 4.41 -3.60
N CYS A 12 -0.64 3.99 -3.01
CA CYS A 12 -1.76 3.48 -3.78
C CYS A 12 -2.49 4.64 -4.44
N ARG A 13 -2.68 5.70 -3.67
CA ARG A 13 -3.35 6.89 -4.17
C ARG A 13 -2.58 7.50 -5.33
N LYS A 14 -1.26 7.62 -5.15
CA LYS A 14 -0.40 8.18 -6.19
C LYS A 14 -0.24 7.21 -7.35
N SER A 15 0.16 5.98 -7.04
CA SER A 15 0.35 4.95 -8.06
C SER A 15 -0.92 4.76 -8.89
N LEU A 16 -2.02 4.41 -8.22
CA LEU A 16 -3.29 4.19 -8.91
C LEU A 16 -4.46 4.76 -8.11
N GLY A 17 -4.86 4.05 -7.07
CA GLY A 17 -5.97 4.51 -6.25
C GLY A 17 -6.88 3.43 -5.81
N CYS A 18 -6.54 2.19 -6.08
CA CYS A 18 -7.40 1.17 -5.56
C CYS A 18 -6.99 0.82 -4.17
N LEU A 19 -7.71 1.45 -3.33
CA LEU A 19 -7.58 1.35 -1.89
C LEU A 19 -7.58 -0.11 -1.42
N LEU A 20 -6.45 -0.79 -1.62
CA LEU A 20 -6.32 -2.19 -1.22
C LEU A 20 -4.92 -2.71 -1.58
N GLY A 21 -4.36 -3.52 -0.70
CA GLY A 21 -3.05 -4.08 -0.93
C GLY A 21 -2.47 -4.75 0.28
N LYS A 22 -1.15 -4.81 0.32
CA LYS A 22 -0.43 -5.43 1.42
C LYS A 22 0.98 -4.91 1.53
N CYS A 23 1.45 -4.73 2.76
CA CYS A 23 2.79 -4.23 3.01
C CYS A 23 3.72 -5.37 3.45
N ILE A 24 5.01 -5.20 3.19
CA ILE A 24 6.00 -6.20 3.54
C ILE A 24 7.20 -5.53 4.14
N GLY A 25 8.03 -6.38 4.66
CA GLY A 25 9.27 -6.04 5.29
C GLY A 25 9.62 -4.63 5.11
N ASP A 26 9.85 -4.41 3.87
CA ASP A 26 10.19 -3.11 3.33
C ASP A 26 9.43 -2.89 2.04
N LYS A 27 8.47 -3.78 1.80
CA LYS A 27 7.68 -3.70 0.63
C LYS A 27 6.30 -3.19 0.93
N CYS A 28 5.63 -2.92 -0.15
CA CYS A 28 4.27 -2.41 -0.13
C CYS A 28 3.73 -2.25 -1.54
N LYS A 29 2.51 -2.74 -1.77
CA LYS A 29 1.91 -2.63 -3.10
C LYS A 29 0.43 -3.00 -3.06
N CYS A 30 -0.36 -2.31 -3.88
CA CYS A 30 -1.79 -2.56 -3.96
C CYS A 30 -2.05 -3.89 -4.64
N TYR A 31 -3.32 -4.31 -4.68
CA TYR A 31 -3.68 -5.55 -5.27
C TYR A 31 -3.82 -5.42 -6.78
N GLY A 32 -2.83 -4.80 -7.41
CA GLY A 32 -2.89 -4.60 -8.84
C GLY A 32 -4.10 -3.75 -9.24
N CYS A 33 -4.72 -3.12 -8.25
CA CYS A 33 -5.90 -2.29 -8.52
C CYS A 33 -7.04 -3.12 -9.09
N ALA A 1 1.37 -7.94 12.71
CA ALA A 1 2.45 -6.97 12.37
C ALA A 1 2.07 -6.16 11.14
N PHE A 2 2.83 -5.09 10.89
CA PHE A 2 2.59 -4.23 9.74
C PHE A 2 3.65 -3.14 9.64
N CYS A 3 3.86 -2.65 8.43
CA CYS A 3 4.86 -1.60 8.19
C CYS A 3 4.21 -0.36 7.59
N ASN A 4 3.62 0.45 8.46
CA ASN A 4 2.96 1.68 8.02
C ASN A 4 1.94 1.40 6.92
N LEU A 5 0.75 0.98 7.32
CA LEU A 5 -0.31 0.67 6.37
C LEU A 5 -0.88 1.94 5.75
N ARG A 6 -1.43 2.81 6.59
CA ARG A 6 -2.00 4.07 6.12
C ARG A 6 -1.10 4.70 5.06
N MET A 7 0.13 5.02 5.46
CA MET A 7 1.09 5.60 4.53
C MET A 7 1.17 4.78 3.27
N CYS A 8 1.20 3.46 3.43
CA CYS A 8 1.25 2.55 2.29
C CYS A 8 0.08 2.85 1.36
N GLN A 9 -1.10 3.01 1.95
CA GLN A 9 -2.31 3.32 1.18
C GLN A 9 -2.03 4.45 0.21
N LEU A 10 -1.29 5.44 0.71
CA LEU A 10 -0.92 6.57 -0.08
C LEU A 10 -0.31 6.12 -1.39
N SER A 11 0.69 5.27 -1.27
CA SER A 11 1.39 4.72 -2.43
C SER A 11 0.39 4.23 -3.47
N CYS A 12 -0.74 3.74 -2.99
CA CYS A 12 -1.79 3.26 -3.87
C CYS A 12 -2.49 4.45 -4.50
N ARG A 13 -2.81 5.43 -3.66
CA ARG A 13 -3.47 6.64 -4.12
C ARG A 13 -2.65 7.33 -5.20
N LYS A 14 -1.35 7.44 -4.96
CA LYS A 14 -0.44 8.05 -5.91
C LYS A 14 -0.19 7.13 -7.10
N SER A 15 0.24 5.91 -6.81
CA SER A 15 0.52 4.94 -7.86
C SER A 15 -0.72 4.65 -8.70
N LEU A 16 -1.75 4.09 -8.07
CA LEU A 16 -2.99 3.77 -8.77
C LEU A 16 -4.18 4.52 -8.16
N GLY A 17 -4.75 3.96 -7.09
CA GLY A 17 -5.89 4.59 -6.45
C GLY A 17 -6.85 3.65 -5.87
N CYS A 18 -6.70 2.35 -6.08
CA CYS A 18 -7.60 1.50 -5.42
C CYS A 18 -7.09 1.17 -4.06
N LEU A 19 -7.66 1.92 -3.19
CA LEU A 19 -7.41 1.89 -1.80
C LEU A 19 -7.41 0.45 -1.25
N LEU A 20 -6.27 -0.22 -1.37
CA LEU A 20 -6.13 -1.59 -0.88
C LEU A 20 -4.77 -2.17 -1.26
N GLY A 21 -4.22 -3.01 -0.39
CA GLY A 21 -2.94 -3.61 -0.65
C GLY A 21 -2.36 -4.30 0.56
N LYS A 22 -1.04 -4.40 0.56
CA LYS A 22 -0.33 -5.05 1.66
C LYS A 22 1.13 -4.60 1.72
N CYS A 23 1.64 -4.46 2.93
CA CYS A 23 3.02 -4.04 3.14
C CYS A 23 3.89 -5.22 3.56
N ILE A 24 5.18 -5.13 3.26
CA ILE A 24 6.12 -6.17 3.60
C ILE A 24 7.37 -5.56 4.18
N GLY A 25 8.17 -6.47 4.64
CA GLY A 25 9.45 -6.19 5.23
C GLY A 25 9.86 -4.80 5.02
N ASP A 26 10.05 -4.60 3.78
CA ASP A 26 10.43 -3.31 3.23
C ASP A 26 9.67 -3.07 1.96
N LYS A 27 8.67 -3.92 1.74
CA LYS A 27 7.86 -3.81 0.57
C LYS A 27 6.52 -3.22 0.87
N CYS A 28 5.86 -2.93 -0.20
CA CYS A 28 4.52 -2.34 -0.17
C CYS A 28 3.93 -2.28 -1.57
N LYS A 29 2.68 -2.70 -1.71
CA LYS A 29 2.02 -2.68 -3.01
C LYS A 29 0.54 -2.98 -2.88
N CYS A 30 -0.25 -2.36 -3.74
CA CYS A 30 -1.70 -2.55 -3.74
C CYS A 30 -2.04 -4.01 -3.97
N TYR A 31 -3.31 -4.36 -3.75
CA TYR A 31 -3.74 -5.70 -3.90
C TYR A 31 -3.91 -6.05 -5.38
N GLY A 32 -5.05 -5.69 -5.93
CA GLY A 32 -5.31 -5.93 -7.34
C GLY A 32 -5.26 -4.64 -8.13
N CYS A 33 -4.83 -3.56 -7.48
CA CYS A 33 -4.74 -2.27 -8.15
C CYS A 33 -3.33 -1.69 -8.03
N ALA A 1 3.72 -4.23 14.77
CA ALA A 1 2.93 -4.90 13.70
C ALA A 1 2.77 -3.99 12.49
N PHE A 2 2.77 -4.59 11.30
CA PHE A 2 2.62 -3.83 10.07
C PHE A 2 3.77 -2.84 9.89
N CYS A 3 4.07 -2.50 8.64
CA CYS A 3 5.15 -1.56 8.33
C CYS A 3 4.60 -0.33 7.64
N ASN A 4 4.01 0.56 8.42
CA ASN A 4 3.43 1.81 7.91
C ASN A 4 2.79 1.59 6.54
N LEU A 5 1.60 1.00 6.57
CA LEU A 5 0.86 0.72 5.35
C LEU A 5 0.09 1.95 4.88
N ARG A 6 -0.53 2.65 5.81
CA ARG A 6 -1.29 3.85 5.50
C ARG A 6 -0.57 4.71 4.47
N MET A 7 0.63 5.14 4.83
CA MET A 7 1.43 5.96 3.92
C MET A 7 1.50 5.30 2.57
N CYS A 8 1.76 3.99 2.57
CA CYS A 8 1.82 3.23 1.33
C CYS A 8 0.51 3.39 0.58
N GLN A 9 -0.60 3.29 1.32
CA GLN A 9 -1.93 3.45 0.75
C GLN A 9 -1.97 4.68 -0.12
N LEU A 10 -1.32 5.72 0.36
CA LEU A 10 -1.24 6.97 -0.34
C LEU A 10 -0.75 6.74 -1.76
N SER A 11 0.39 6.08 -1.85
CA SER A 11 1.00 5.77 -3.15
C SER A 11 -0.03 5.10 -4.05
N CYS A 12 -0.89 4.31 -3.46
CA CYS A 12 -1.94 3.63 -4.19
C CYS A 12 -3.03 4.62 -4.55
N ARG A 13 -3.33 5.49 -3.60
CA ARG A 13 -4.35 6.52 -3.78
C ARG A 13 -3.91 7.52 -4.84
N LYS A 14 -2.77 8.15 -4.61
CA LYS A 14 -2.23 9.13 -5.55
C LYS A 14 -2.02 8.49 -6.92
N SER A 15 -1.34 7.35 -6.94
CA SER A 15 -1.07 6.65 -8.19
C SER A 15 -2.37 6.34 -8.93
N LEU A 16 -3.22 5.54 -8.32
CA LEU A 16 -4.49 5.16 -8.93
C LEU A 16 -5.60 5.03 -7.89
N GLY A 17 -6.70 4.37 -8.28
CA GLY A 17 -7.82 4.19 -7.36
C GLY A 17 -8.03 2.72 -7.01
N CYS A 18 -6.92 2.04 -6.72
CA CYS A 18 -6.95 0.61 -6.37
C CYS A 18 -6.26 0.38 -5.08
N LEU A 19 -6.37 1.41 -4.43
CA LEU A 19 -5.86 1.70 -3.11
C LEU A 19 -5.43 0.45 -2.33
N LEU A 20 -6.24 -0.60 -2.38
CA LEU A 20 -5.93 -1.84 -1.66
C LEU A 20 -4.45 -2.22 -1.82
N GLY A 21 -3.95 -3.01 -0.87
CA GLY A 21 -2.59 -3.45 -0.90
C GLY A 21 -2.16 -4.13 0.38
N LYS A 22 -0.86 -4.10 0.61
CA LYS A 22 -0.30 -4.73 1.81
C LYS A 22 1.20 -4.48 1.91
N CYS A 23 1.67 -4.33 3.14
CA CYS A 23 3.10 -4.10 3.41
C CYS A 23 3.77 -5.37 3.92
N ILE A 24 5.07 -5.47 3.68
CA ILE A 24 5.85 -6.61 4.11
C ILE A 24 7.13 -6.16 4.73
N GLY A 25 7.77 -7.15 5.27
CA GLY A 25 9.04 -7.02 5.92
C GLY A 25 9.64 -5.70 5.71
N ASP A 26 9.93 -5.58 4.46
CA ASP A 26 10.52 -4.38 3.91
C ASP A 26 9.87 -4.10 2.58
N LYS A 27 8.78 -4.82 2.31
CA LYS A 27 8.06 -4.65 1.09
C LYS A 27 6.78 -3.90 1.29
N CYS A 28 6.23 -3.57 0.17
CA CYS A 28 4.98 -2.83 0.09
C CYS A 28 4.47 -2.79 -1.34
N LYS A 29 3.18 -3.09 -1.53
CA LYS A 29 2.60 -3.08 -2.86
C LYS A 29 1.09 -3.22 -2.81
N CYS A 30 0.41 -2.56 -3.72
CA CYS A 30 -1.04 -2.60 -3.79
C CYS A 30 -1.52 -4.02 -4.10
N TYR A 31 -2.83 -4.19 -4.22
CA TYR A 31 -3.40 -5.46 -4.50
C TYR A 31 -3.17 -5.83 -5.96
N GLY A 32 -1.90 -5.95 -6.32
CA GLY A 32 -1.57 -6.25 -7.70
C GLY A 32 -1.90 -5.08 -8.60
N CYS A 33 -2.27 -3.94 -8.00
CA CYS A 33 -2.63 -2.75 -8.76
C CYS A 33 -1.38 -2.11 -9.37
N ALA A 1 -2.88 -4.12 8.16
CA ALA A 1 -2.21 -3.02 8.89
C ALA A 1 -0.81 -3.43 9.35
N PHE A 2 0.14 -3.41 8.42
CA PHE A 2 1.51 -3.79 8.72
C PHE A 2 2.50 -2.76 8.17
N CYS A 3 3.61 -2.58 8.88
CA CYS A 3 4.66 -1.64 8.47
C CYS A 3 4.08 -0.40 7.79
N ASN A 4 3.54 0.50 8.60
CA ASN A 4 2.94 1.73 8.10
C ASN A 4 2.10 1.47 6.86
N LEU A 5 0.89 1.00 7.07
CA LEU A 5 -0.03 0.70 5.97
C LEU A 5 -0.62 1.96 5.38
N ARG A 6 -1.29 2.75 6.23
CA ARG A 6 -1.91 4.00 5.79
C ARG A 6 -0.99 4.75 4.84
N MET A 7 0.19 5.12 5.34
CA MET A 7 1.17 5.83 4.54
C MET A 7 1.38 5.09 3.23
N CYS A 8 1.50 3.77 3.32
CA CYS A 8 1.69 2.95 2.12
C CYS A 8 0.56 3.23 1.14
N GLN A 9 -0.66 3.25 1.66
CA GLN A 9 -1.84 3.53 0.84
C GLN A 9 -1.58 4.74 -0.05
N LEU A 10 -0.93 5.73 0.54
CA LEU A 10 -0.60 6.93 -0.16
C LEU A 10 0.13 6.60 -1.44
N SER A 11 1.20 5.82 -1.29
CA SER A 11 2.01 5.39 -2.43
C SER A 11 1.12 4.87 -3.54
N CYS A 12 0.02 4.25 -3.16
CA CYS A 12 -0.93 3.74 -4.13
C CYS A 12 -1.76 4.90 -4.65
N ARG A 13 -2.18 5.75 -3.73
CA ARG A 13 -2.98 6.92 -4.09
C ARG A 13 -2.24 7.75 -5.13
N LYS A 14 -0.94 7.91 -4.92
CA LYS A 14 -0.10 8.68 -5.84
C LYS A 14 0.27 7.83 -7.04
N SER A 15 0.86 6.67 -6.79
CA SER A 15 1.27 5.76 -7.85
C SER A 15 0.08 5.30 -8.69
N LEU A 16 -0.82 4.53 -8.07
CA LEU A 16 -2.00 4.01 -8.77
C LEU A 16 -3.29 4.53 -8.12
N GLY A 17 -3.78 3.82 -7.10
CA GLY A 17 -5.00 4.24 -6.44
C GLY A 17 -5.76 3.16 -5.78
N CYS A 18 -5.20 1.96 -5.72
CA CYS A 18 -5.92 0.97 -4.99
C CYS A 18 -5.52 1.00 -3.55
N LEU A 19 -6.33 1.69 -2.86
CA LEU A 19 -6.24 1.91 -1.47
C LEU A 19 -5.95 0.62 -0.70
N LEU A 20 -6.38 -0.51 -1.25
CA LEU A 20 -6.17 -1.80 -0.61
C LEU A 20 -4.83 -2.40 -1.02
N GLY A 21 -4.32 -3.29 -0.17
CA GLY A 21 -3.06 -3.93 -0.44
C GLY A 21 -2.54 -4.71 0.73
N LYS A 22 -1.23 -4.88 0.75
CA LYS A 22 -0.56 -5.63 1.82
C LYS A 22 0.87 -5.13 2.02
N CYS A 23 1.30 -5.11 3.28
CA CYS A 23 2.64 -4.66 3.62
C CYS A 23 3.49 -5.82 4.10
N ILE A 24 4.81 -5.70 3.90
CA ILE A 24 5.74 -6.73 4.30
C ILE A 24 6.92 -6.11 4.97
N GLY A 25 7.69 -6.99 5.54
CA GLY A 25 8.90 -6.68 6.24
C GLY A 25 9.28 -5.27 6.10
N ASP A 26 9.58 -5.06 4.88
CA ASP A 26 9.96 -3.76 4.37
C ASP A 26 9.34 -3.54 3.02
N LYS A 27 8.41 -4.41 2.67
CA LYS A 27 7.75 -4.34 1.41
C LYS A 27 6.35 -3.82 1.55
N CYS A 28 5.80 -3.56 0.41
CA CYS A 28 4.44 -3.06 0.27
C CYS A 28 3.96 -3.21 -1.17
N LYS A 29 2.73 -3.69 -1.34
CA LYS A 29 2.16 -3.88 -2.66
C LYS A 29 0.63 -3.84 -2.61
N CYS A 30 0.05 -3.04 -3.49
CA CYS A 30 -1.41 -2.91 -3.55
C CYS A 30 -2.04 -4.18 -4.11
N TYR A 31 -3.35 -4.28 -4.00
CA TYR A 31 -4.06 -5.42 -4.45
C TYR A 31 -4.32 -5.35 -5.95
N GLY A 32 -5.39 -4.64 -6.32
CA GLY A 32 -5.70 -4.49 -7.72
C GLY A 32 -4.79 -3.49 -8.41
N CYS A 33 -3.93 -2.83 -7.61
CA CYS A 33 -3.01 -1.84 -8.16
C CYS A 33 -1.56 -2.23 -7.86
N ALA A 1 -0.31 -3.45 14.19
CA ALA A 1 1.13 -3.19 13.88
C ALA A 1 1.45 -3.59 12.44
N PHE A 2 1.64 -2.58 11.59
CA PHE A 2 1.97 -2.83 10.18
C PHE A 2 3.04 -1.87 9.70
N CYS A 3 3.80 -2.29 8.69
CA CYS A 3 4.86 -1.46 8.13
C CYS A 3 4.29 -0.31 7.32
N ASN A 4 3.82 0.72 8.04
CA ASN A 4 3.23 1.90 7.43
C ASN A 4 2.32 1.52 6.26
N LEU A 5 1.12 1.09 6.61
CA LEU A 5 0.14 0.68 5.60
C LEU A 5 -0.54 1.89 4.97
N ARG A 6 -1.32 2.61 5.76
CA ARG A 6 -2.02 3.80 5.28
C ARG A 6 -1.12 4.64 4.37
N MET A 7 0.00 5.07 4.91
CA MET A 7 0.95 5.86 4.13
C MET A 7 1.24 5.17 2.81
N CYS A 8 1.48 3.87 2.88
CA CYS A 8 1.74 3.08 1.68
C CYS A 8 0.57 3.23 0.72
N GLN A 9 -0.64 3.15 1.27
CA GLN A 9 -1.86 3.30 0.49
C GLN A 9 -1.75 4.54 -0.39
N LEU A 10 -1.20 5.58 0.19
CA LEU A 10 -1.00 6.83 -0.49
C LEU A 10 -0.29 6.59 -1.81
N SER A 11 0.84 5.91 -1.72
CA SER A 11 1.65 5.59 -2.88
C SER A 11 0.79 5.01 -3.99
N CYS A 12 -0.20 4.24 -3.60
CA CYS A 12 -1.13 3.65 -4.54
C CYS A 12 -2.12 4.70 -4.99
N ARG A 13 -2.56 5.50 -4.02
CA ARG A 13 -3.51 6.57 -4.28
C ARG A 13 -2.93 7.56 -5.30
N LYS A 14 -1.69 7.97 -5.05
CA LYS A 14 -1.02 8.91 -5.94
C LYS A 14 -0.60 8.20 -7.23
N SER A 15 0.16 7.12 -7.09
CA SER A 15 0.62 6.36 -8.25
C SER A 15 -0.56 5.91 -9.11
N LEU A 16 -1.60 5.38 -8.48
CA LEU A 16 -2.78 4.91 -9.20
C LEU A 16 -4.06 5.10 -8.38
N GLY A 17 -4.40 4.10 -7.56
CA GLY A 17 -5.60 4.20 -6.75
C GLY A 17 -6.11 2.89 -6.28
N CYS A 18 -5.20 2.06 -5.83
CA CYS A 18 -5.63 0.84 -5.24
C CYS A 18 -5.38 0.84 -3.78
N LEU A 19 -6.43 1.20 -3.17
CA LEU A 19 -6.57 1.33 -1.77
C LEU A 19 -6.07 0.09 -1.03
N LEU A 20 -6.86 -0.99 -1.06
CA LEU A 20 -6.49 -2.23 -0.37
C LEU A 20 -5.15 -2.76 -0.88
N GLY A 21 -4.52 -3.57 -0.04
CA GLY A 21 -3.25 -4.15 -0.39
C GLY A 21 -2.62 -4.93 0.75
N LYS A 22 -1.31 -5.05 0.68
CA LYS A 22 -0.54 -5.77 1.68
C LYS A 22 0.87 -5.21 1.79
N CYS A 23 1.38 -5.14 3.01
CA CYS A 23 2.73 -4.63 3.25
C CYS A 23 3.67 -5.76 3.64
N ILE A 24 4.96 -5.56 3.37
CA ILE A 24 5.98 -6.53 3.68
C ILE A 24 7.14 -5.86 4.35
N GLY A 25 8.01 -6.72 4.79
CA GLY A 25 9.23 -6.36 5.44
C GLY A 25 9.50 -4.92 5.35
N ASP A 26 9.72 -4.62 4.12
CA ASP A 26 9.98 -3.27 3.68
C ASP A 26 9.28 -3.04 2.35
N LYS A 27 8.39 -3.98 2.02
CA LYS A 27 7.67 -3.91 0.80
C LYS A 27 6.24 -3.51 1.02
N CYS A 28 5.63 -3.24 -0.09
CA CYS A 28 4.23 -2.83 -0.16
C CYS A 28 3.64 -3.14 -1.52
N LYS A 29 2.45 -3.74 -1.53
CA LYS A 29 1.77 -4.09 -2.77
C LYS A 29 0.26 -4.02 -2.62
N CYS A 30 -0.39 -3.33 -3.54
CA CYS A 30 -1.84 -3.18 -3.51
C CYS A 30 -2.51 -4.43 -4.07
N TYR A 31 -3.83 -4.54 -3.89
CA TYR A 31 -4.56 -5.66 -4.34
C TYR A 31 -6.03 -5.33 -4.56
N GLY A 32 -6.63 -4.65 -3.58
CA GLY A 32 -8.04 -4.28 -3.66
C GLY A 32 -8.45 -3.78 -5.03
N CYS A 33 -7.51 -3.18 -5.74
CA CYS A 33 -7.79 -2.65 -7.07
C CYS A 33 -6.70 -3.06 -8.06
N ALA A 1 1.84 -4.38 14.55
CA ALA A 1 1.53 -3.24 13.63
C ALA A 1 2.01 -3.54 12.22
N PHE A 2 1.58 -2.72 11.27
CA PHE A 2 1.96 -2.89 9.87
C PHE A 2 3.00 -1.85 9.46
N CYS A 3 3.86 -2.23 8.52
CA CYS A 3 4.90 -1.32 8.04
C CYS A 3 4.28 -0.14 7.30
N ASN A 4 3.78 0.82 8.07
CA ASN A 4 3.16 2.02 7.51
C ASN A 4 2.27 1.68 6.32
N LEU A 5 1.08 1.20 6.61
CA LEU A 5 0.12 0.83 5.57
C LEU A 5 -0.56 2.06 5.00
N ARG A 6 -1.27 2.80 5.85
CA ARG A 6 -1.97 4.00 5.42
C ARG A 6 -1.12 4.81 4.47
N MET A 7 0.03 5.26 4.96
CA MET A 7 0.95 6.03 4.14
C MET A 7 1.18 5.33 2.81
N CYS A 8 1.39 4.02 2.88
CA CYS A 8 1.57 3.23 1.68
C CYS A 8 0.41 3.45 0.73
N GLN A 9 -0.80 3.37 1.28
CA GLN A 9 -2.00 3.58 0.51
C GLN A 9 -1.87 4.82 -0.35
N LEU A 10 -1.27 5.84 0.23
CA LEU A 10 -1.05 7.09 -0.44
C LEU A 10 -0.35 6.84 -1.76
N SER A 11 0.78 6.16 -1.66
CA SER A 11 1.59 5.83 -2.84
C SER A 11 0.71 5.24 -3.93
N CYS A 12 -0.28 4.45 -3.53
CA CYS A 12 -1.19 3.86 -4.47
C CYS A 12 -2.20 4.90 -4.92
N ARG A 13 -2.62 5.71 -3.96
CA ARG A 13 -3.58 6.78 -4.23
C ARG A 13 -3.01 7.75 -5.25
N LYS A 14 -1.77 8.17 -5.02
CA LYS A 14 -1.09 9.09 -5.92
C LYS A 14 -0.69 8.36 -7.21
N SER A 15 0.05 7.27 -7.06
CA SER A 15 0.49 6.49 -8.21
C SER A 15 -0.70 6.04 -9.06
N LEU A 16 -1.62 5.30 -8.45
CA LEU A 16 -2.80 4.82 -9.17
C LEU A 16 -4.08 5.04 -8.36
N GLY A 17 -4.44 4.06 -7.51
CA GLY A 17 -5.65 4.19 -6.71
C GLY A 17 -6.13 2.91 -6.14
N CYS A 18 -5.19 2.07 -5.74
CA CYS A 18 -5.60 0.89 -5.08
C CYS A 18 -5.33 0.99 -3.62
N LEU A 19 -6.38 1.37 -3.02
CA LEU A 19 -6.50 1.59 -1.62
C LEU A 19 -6.09 0.37 -0.79
N LEU A 20 -6.58 -0.81 -1.19
CA LEU A 20 -6.27 -2.03 -0.46
C LEU A 20 -4.95 -2.66 -0.96
N GLY A 21 -4.31 -3.42 -0.07
CA GLY A 21 -3.08 -4.07 -0.42
C GLY A 21 -2.46 -4.82 0.73
N LYS A 22 -1.15 -4.98 0.64
CA LYS A 22 -0.40 -5.70 1.67
C LYS A 22 1.02 -5.13 1.81
N CYS A 23 1.50 -5.06 3.04
CA CYS A 23 2.83 -4.54 3.31
C CYS A 23 3.74 -5.65 3.84
N ILE A 24 5.04 -5.49 3.60
CA ILE A 24 6.03 -6.46 4.04
C ILE A 24 7.22 -5.76 4.62
N GLY A 25 8.04 -6.59 5.17
CA GLY A 25 9.28 -6.21 5.78
C GLY A 25 9.63 -4.81 5.52
N ASP A 26 9.86 -4.67 4.26
CA ASP A 26 10.20 -3.41 3.66
C ASP A 26 9.47 -3.29 2.34
N LYS A 27 8.53 -4.19 2.13
CA LYS A 27 7.76 -4.20 0.94
C LYS A 27 6.39 -3.62 1.14
N CYS A 28 5.76 -3.43 0.03
CA CYS A 28 4.41 -2.88 -0.05
C CYS A 28 3.86 -3.03 -1.46
N LYS A 29 2.63 -3.52 -1.57
CA LYS A 29 1.99 -3.70 -2.86
C LYS A 29 0.48 -3.81 -2.74
N CYS A 30 -0.23 -3.03 -3.55
CA CYS A 30 -1.69 -3.03 -3.54
C CYS A 30 -2.21 -4.27 -4.27
N TYR A 31 -3.48 -4.61 -4.04
CA TYR A 31 -4.06 -5.75 -4.64
C TYR A 31 -5.58 -5.69 -4.64
N GLY A 32 -6.17 -5.68 -5.84
CA GLY A 32 -7.62 -5.63 -5.95
C GLY A 32 -8.17 -4.22 -5.96
N CYS A 33 -7.59 -3.35 -5.14
CA CYS A 33 -8.05 -1.96 -5.07
C CYS A 33 -9.46 -1.88 -4.51
N ALA A 1 -0.62 -0.54 12.80
CA ALA A 1 -0.08 -1.88 12.47
C ALA A 1 0.41 -1.92 11.03
N PHE A 2 1.02 -3.06 10.64
CA PHE A 2 1.54 -3.23 9.30
C PHE A 2 2.64 -2.22 9.01
N CYS A 3 3.59 -2.61 8.16
CA CYS A 3 4.71 -1.74 7.79
C CYS A 3 4.21 -0.41 7.23
N ASN A 4 3.97 0.55 8.11
CA ASN A 4 3.50 1.87 7.71
C ASN A 4 2.30 1.75 6.77
N LEU A 5 1.12 1.56 7.35
CA LEU A 5 -0.11 1.43 6.58
C LEU A 5 -0.55 2.76 6.00
N ARG A 6 -0.87 3.71 6.87
CA ARG A 6 -1.30 5.04 6.43
C ARG A 6 -0.43 5.53 5.29
N MET A 7 0.86 5.70 5.59
CA MET A 7 1.81 6.14 4.58
C MET A 7 1.72 5.26 3.34
N CYS A 8 1.56 3.96 3.55
CA CYS A 8 1.44 3.03 2.44
C CYS A 8 0.30 3.45 1.54
N GLN A 9 -0.83 3.79 2.16
CA GLN A 9 -2.00 4.24 1.43
C GLN A 9 -1.59 5.26 0.38
N LEU A 10 -0.69 6.14 0.78
CA LEU A 10 -0.18 7.16 -0.10
C LEU A 10 0.32 6.54 -1.38
N SER A 11 1.22 5.58 -1.22
CA SER A 11 1.80 4.87 -2.35
C SER A 11 0.71 4.37 -3.28
N CYS A 12 -0.45 4.08 -2.72
CA CYS A 12 -1.58 3.63 -3.49
C CYS A 12 -2.23 4.82 -4.17
N ARG A 13 -2.37 5.90 -3.41
CA ARG A 13 -2.96 7.13 -3.94
C ARG A 13 -2.18 7.60 -5.17
N LYS A 14 -0.87 7.44 -5.11
CA LYS A 14 0.01 7.84 -6.21
C LYS A 14 0.10 6.72 -7.25
N SER A 15 0.49 5.53 -6.80
CA SER A 15 0.64 4.39 -7.69
C SER A 15 -0.70 4.00 -8.32
N LEU A 16 -1.62 3.50 -7.51
CA LEU A 16 -2.93 3.08 -8.00
C LEU A 16 -3.98 3.18 -6.90
N GLY A 17 -5.14 3.74 -7.23
CA GLY A 17 -6.22 3.89 -6.27
C GLY A 17 -6.95 2.64 -5.95
N CYS A 18 -6.21 1.60 -5.63
CA CYS A 18 -6.84 0.41 -5.18
C CYS A 18 -6.43 0.12 -3.78
N LEU A 19 -7.29 0.58 -2.97
CA LEU A 19 -7.22 0.48 -1.52
C LEU A 19 -6.65 -0.87 -1.07
N LEU A 20 -6.94 -1.92 -1.83
CA LEU A 20 -6.45 -3.26 -1.49
C LEU A 20 -4.97 -3.41 -1.86
N GLY A 21 -4.31 -4.35 -1.19
CA GLY A 21 -2.92 -4.60 -1.44
C GLY A 21 -2.27 -5.42 -0.35
N LYS A 22 -0.98 -5.25 -0.22
CA LYS A 22 -0.22 -5.99 0.78
C LYS A 22 1.09 -5.30 1.12
N CYS A 23 1.46 -5.35 2.40
CA CYS A 23 2.70 -4.74 2.87
C CYS A 23 3.65 -5.79 3.43
N ILE A 24 4.95 -5.57 3.25
CA ILE A 24 5.96 -6.49 3.74
C ILE A 24 7.11 -5.73 4.34
N GLY A 25 7.94 -6.52 4.93
CA GLY A 25 9.14 -6.10 5.59
C GLY A 25 9.50 -4.71 5.29
N ASP A 26 9.78 -4.59 4.05
CA ASP A 26 10.17 -3.35 3.44
C ASP A 26 9.34 -3.14 2.19
N LYS A 27 8.38 -4.02 2.03
CA LYS A 27 7.50 -3.96 0.89
C LYS A 27 6.24 -3.21 1.20
N CYS A 28 5.54 -2.97 0.14
CA CYS A 28 4.27 -2.26 0.17
C CYS A 28 3.73 -2.07 -1.25
N LYS A 29 2.53 -2.59 -1.51
CA LYS A 29 1.94 -2.45 -2.84
C LYS A 29 0.46 -2.80 -2.81
N CYS A 30 -0.32 -2.05 -3.59
CA CYS A 30 -1.76 -2.28 -3.67
C CYS A 30 -2.03 -3.67 -4.25
N TYR A 31 -3.26 -3.90 -4.68
CA TYR A 31 -3.64 -5.14 -5.24
C TYR A 31 -4.42 -4.95 -6.53
N GLY A 32 -4.14 -3.87 -7.25
CA GLY A 32 -4.82 -3.59 -8.51
C GLY A 32 -6.31 -3.84 -8.45
N CYS A 33 -6.90 -3.62 -7.28
CA CYS A 33 -8.34 -3.84 -7.10
C CYS A 33 -8.70 -5.31 -7.31
N ALA A 1 3.25 -8.45 12.48
CA ALA A 1 3.33 -6.97 12.63
C ALA A 1 2.98 -6.27 11.31
N PHE A 2 3.20 -4.97 11.28
CA PHE A 2 2.91 -4.17 10.08
C PHE A 2 3.98 -3.12 9.86
N CYS A 3 4.16 -2.72 8.60
CA CYS A 3 5.16 -1.72 8.25
C CYS A 3 4.49 -0.49 7.63
N ASN A 4 3.96 0.37 8.49
CA ASN A 4 3.29 1.59 8.04
C ASN A 4 2.35 1.31 6.88
N LEU A 5 1.16 0.81 7.21
CA LEU A 5 0.16 0.48 6.20
C LEU A 5 -0.51 1.75 5.66
N ARG A 6 -1.12 2.52 6.55
CA ARG A 6 -1.79 3.75 6.17
C ARG A 6 -0.96 4.52 5.15
N MET A 7 0.25 4.89 5.55
CA MET A 7 1.15 5.61 4.66
C MET A 7 1.26 4.89 3.34
N CYS A 8 1.41 3.57 3.40
CA CYS A 8 1.51 2.76 2.20
C CYS A 8 0.29 3.00 1.33
N GLN A 9 -0.88 3.02 1.96
CA GLN A 9 -2.14 3.28 1.26
C GLN A 9 -1.98 4.49 0.35
N LEU A 10 -1.32 5.51 0.88
CA LEU A 10 -1.07 6.72 0.16
C LEU A 10 -0.46 6.41 -1.20
N SER A 11 0.61 5.62 -1.15
CA SER A 11 1.32 5.21 -2.35
C SER A 11 0.35 4.64 -3.39
N CYS A 12 -0.75 4.08 -2.89
CA CYS A 12 -1.76 3.51 -3.77
C CYS A 12 -2.52 4.62 -4.49
N ARG A 13 -2.92 5.63 -3.72
CA ARG A 13 -3.64 6.76 -4.26
C ARG A 13 -2.82 7.48 -5.32
N LYS A 14 -1.53 7.68 -5.02
CA LYS A 14 -0.63 8.35 -5.94
C LYS A 14 -0.27 7.42 -7.11
N SER A 15 0.21 6.23 -6.78
CA SER A 15 0.60 5.25 -7.79
C SER A 15 -0.57 4.93 -8.72
N LEU A 16 -1.61 4.31 -8.16
CA LEU A 16 -2.79 3.95 -8.94
C LEU A 16 -4.05 4.64 -8.41
N GLY A 17 -4.66 4.07 -7.38
CA GLY A 17 -5.86 4.65 -6.81
C GLY A 17 -6.77 3.67 -6.18
N CYS A 18 -6.66 2.41 -6.51
CA CYS A 18 -7.51 1.51 -5.82
C CYS A 18 -6.99 1.26 -4.45
N LEU A 19 -7.57 2.01 -3.59
CA LEU A 19 -7.29 2.01 -2.17
C LEU A 19 -7.29 0.60 -1.60
N LEU A 20 -6.14 -0.08 -1.66
CA LEU A 20 -6.02 -1.43 -1.15
C LEU A 20 -4.61 -1.98 -1.41
N GLY A 21 -4.16 -2.87 -0.54
CA GLY A 21 -2.84 -3.45 -0.70
C GLY A 21 -2.35 -4.13 0.56
N LYS A 22 -1.04 -4.22 0.66
CA LYS A 22 -0.39 -4.84 1.81
C LYS A 22 1.10 -4.53 1.83
N CYS A 23 1.64 -4.34 3.03
CA CYS A 23 3.05 -4.03 3.19
C CYS A 23 3.83 -5.28 3.61
N ILE A 24 5.11 -5.29 3.30
CA ILE A 24 5.99 -6.39 3.64
C ILE A 24 7.28 -5.87 4.19
N GLY A 25 8.01 -6.82 4.71
CA GLY A 25 9.30 -6.62 5.30
C GLY A 25 9.81 -5.26 5.08
N ASP A 26 10.01 -5.09 3.82
CA ASP A 26 10.50 -3.85 3.26
C ASP A 26 9.75 -3.58 1.98
N LYS A 27 8.69 -4.35 1.77
CA LYS A 27 7.89 -4.21 0.59
C LYS A 27 6.59 -3.54 0.88
N CYS A 28 5.95 -3.24 -0.21
CA CYS A 28 4.65 -2.57 -0.21
C CYS A 28 4.06 -2.53 -1.62
N LYS A 29 2.82 -2.98 -1.74
CA LYS A 29 2.16 -3.00 -3.04
C LYS A 29 0.65 -3.14 -2.89
N CYS A 30 -0.09 -2.47 -3.78
CA CYS A 30 -1.54 -2.51 -3.75
C CYS A 30 -2.05 -3.89 -4.14
N TYR A 31 -3.35 -4.11 -3.98
CA TYR A 31 -3.97 -5.35 -4.28
C TYR A 31 -4.29 -5.44 -5.76
N GLY A 32 -3.28 -5.24 -6.61
CA GLY A 32 -3.48 -5.29 -8.03
C GLY A 32 -3.97 -3.96 -8.58
N CYS A 33 -4.24 -3.00 -7.69
CA CYS A 33 -4.70 -1.69 -8.10
C CYS A 33 -4.51 -0.66 -6.99
N ALA A 1 -0.13 -4.20 13.48
CA ALA A 1 0.39 -2.98 12.82
C ALA A 1 1.10 -3.30 11.51
N PHE A 2 0.60 -2.75 10.41
CA PHE A 2 1.18 -2.99 9.10
C PHE A 2 2.30 -1.99 8.81
N CYS A 3 3.30 -2.42 8.04
CA CYS A 3 4.42 -1.56 7.69
C CYS A 3 3.94 -0.24 7.10
N ASN A 4 3.77 0.75 7.96
CA ASN A 4 3.31 2.08 7.54
C ASN A 4 2.10 1.97 6.62
N LEU A 5 0.92 1.84 7.23
CA LEU A 5 -0.32 1.72 6.47
C LEU A 5 -0.73 3.04 5.86
N ARG A 6 -1.08 4.01 6.71
CA ARG A 6 -1.49 5.32 6.25
C ARG A 6 -0.58 5.79 5.12
N MET A 7 0.70 5.95 5.42
CA MET A 7 1.67 6.37 4.43
C MET A 7 1.57 5.49 3.18
N CYS A 8 1.41 4.20 3.40
CA CYS A 8 1.27 3.26 2.28
C CYS A 8 0.12 3.70 1.39
N GLN A 9 -1.00 4.04 2.03
CA GLN A 9 -2.18 4.51 1.31
C GLN A 9 -1.78 5.52 0.27
N LEU A 10 -0.86 6.40 0.65
CA LEU A 10 -0.36 7.41 -0.22
C LEU A 10 0.13 6.80 -1.52
N SER A 11 1.02 5.84 -1.36
CA SER A 11 1.59 5.12 -2.51
C SER A 11 0.49 4.64 -3.43
N CYS A 12 -0.65 4.33 -2.85
CA CYS A 12 -1.79 3.88 -3.61
C CYS A 12 -2.46 5.10 -4.24
N ARG A 13 -2.58 6.15 -3.44
CA ARG A 13 -3.19 7.39 -3.91
C ARG A 13 -2.45 7.90 -5.14
N LYS A 14 -1.12 7.78 -5.10
CA LYS A 14 -0.29 8.22 -6.21
C LYS A 14 -0.23 7.14 -7.28
N SER A 15 0.16 5.92 -6.89
CA SER A 15 0.26 4.80 -7.82
C SER A 15 -1.10 4.48 -8.45
N LEU A 16 -2.02 4.00 -7.62
CA LEU A 16 -3.36 3.63 -8.11
C LEU A 16 -4.37 3.59 -6.96
N GLY A 17 -5.56 4.13 -7.20
CA GLY A 17 -6.60 4.16 -6.18
C GLY A 17 -7.24 2.85 -5.92
N CYS A 18 -6.42 1.87 -5.64
CA CYS A 18 -6.95 0.61 -5.24
C CYS A 18 -6.51 0.31 -3.85
N LEU A 19 -7.39 0.66 -3.02
CA LEU A 19 -7.31 0.51 -1.62
C LEU A 19 -6.82 -0.89 -1.22
N LEU A 20 -7.07 -1.87 -2.09
CA LEU A 20 -6.64 -3.24 -1.85
C LEU A 20 -5.15 -3.38 -2.14
N GLY A 21 -4.53 -4.34 -1.48
CA GLY A 21 -3.11 -4.57 -1.67
C GLY A 21 -2.50 -5.36 -0.53
N LYS A 22 -1.22 -5.16 -0.34
CA LYS A 22 -0.49 -5.86 0.71
C LYS A 22 0.83 -5.17 1.05
N CYS A 23 1.20 -5.22 2.32
CA CYS A 23 2.43 -4.61 2.79
C CYS A 23 3.37 -5.68 3.36
N ILE A 24 4.66 -5.47 3.18
CA ILE A 24 5.66 -6.40 3.67
C ILE A 24 6.82 -5.66 4.27
N GLY A 25 7.64 -6.45 4.87
CA GLY A 25 8.85 -6.04 5.52
C GLY A 25 9.22 -4.66 5.22
N ASP A 26 9.50 -4.55 3.98
CA ASP A 26 9.90 -3.30 3.36
C ASP A 26 9.09 -3.09 2.12
N LYS A 27 8.11 -3.97 1.94
CA LYS A 27 7.25 -3.91 0.81
C LYS A 27 5.99 -3.17 1.12
N CYS A 28 5.29 -2.93 0.05
CA CYS A 28 4.01 -2.23 0.07
C CYS A 28 3.52 -1.97 -1.35
N LYS A 29 2.31 -2.42 -1.66
CA LYS A 29 1.75 -2.22 -2.99
C LYS A 29 0.28 -2.62 -3.05
N CYS A 30 -0.49 -1.86 -3.81
CA CYS A 30 -1.91 -2.14 -3.98
C CYS A 30 -2.09 -3.44 -4.74
N TYR A 31 -3.33 -3.80 -5.11
CA TYR A 31 -3.56 -4.99 -5.83
C TYR A 31 -4.70 -4.85 -6.83
N GLY A 32 -5.91 -5.29 -6.46
CA GLY A 32 -7.03 -5.21 -7.37
C GLY A 32 -8.23 -4.48 -6.78
N CYS A 33 -7.96 -3.44 -6.00
CA CYS A 33 -9.04 -2.67 -5.39
C CYS A 33 -9.84 -3.52 -4.41
N ALA A 1 0.33 -1.68 14.01
CA ALA A 1 0.47 -2.97 13.27
C ALA A 1 0.83 -2.73 11.82
N PHE A 2 1.41 -3.75 11.18
CA PHE A 2 1.81 -3.65 9.78
C PHE A 2 2.87 -2.56 9.59
N CYS A 3 3.74 -2.75 8.61
CA CYS A 3 4.80 -1.78 8.32
C CYS A 3 4.21 -0.49 7.81
N ASN A 4 3.71 0.33 8.74
CA ASN A 4 3.11 1.62 8.40
C ASN A 4 2.18 1.47 7.20
N LEU A 5 0.97 0.99 7.48
CA LEU A 5 -0.03 0.79 6.44
C LEU A 5 -0.65 2.10 5.98
N ARG A 6 -1.10 2.91 6.94
CA ARG A 6 -1.72 4.18 6.63
C ARG A 6 -0.91 4.92 5.57
N MET A 7 0.31 5.26 5.91
CA MET A 7 1.19 5.95 4.98
C MET A 7 1.28 5.18 3.67
N CYS A 8 1.29 3.84 3.78
CA CYS A 8 1.36 3.00 2.60
C CYS A 8 0.20 3.33 1.67
N GLN A 9 -0.99 3.45 2.27
CA GLN A 9 -2.19 3.78 1.50
C GLN A 9 -1.88 4.91 0.54
N LEU A 10 -1.12 5.87 1.04
CA LEU A 10 -0.70 6.99 0.25
C LEU A 10 -0.05 6.51 -1.03
N SER A 11 1.00 5.71 -0.84
CA SER A 11 1.74 5.15 -1.96
C SER A 11 0.82 4.35 -2.87
N CYS A 12 -0.26 3.84 -2.28
CA CYS A 12 -1.23 3.08 -3.02
C CYS A 12 -2.08 4.05 -3.83
N ARG A 13 -2.40 5.17 -3.21
CA ARG A 13 -3.20 6.20 -3.86
C ARG A 13 -2.44 6.81 -5.03
N LYS A 14 -1.21 7.24 -4.76
CA LYS A 14 -0.36 7.82 -5.78
C LYS A 14 -0.07 6.78 -6.86
N SER A 15 0.37 5.60 -6.44
CA SER A 15 0.68 4.52 -7.37
C SER A 15 -0.51 4.20 -8.27
N LEU A 16 -1.63 3.81 -7.66
CA LEU A 16 -2.84 3.48 -8.41
C LEU A 16 -4.09 3.69 -7.56
N GLY A 17 -5.07 4.38 -8.14
CA GLY A 17 -6.32 4.64 -7.43
C GLY A 17 -6.84 3.50 -6.64
N CYS A 18 -6.51 2.28 -6.99
CA CYS A 18 -6.99 1.24 -6.15
C CYS A 18 -6.22 1.22 -4.87
N LEU A 19 -6.85 1.85 -3.96
CA LEU A 19 -6.41 2.02 -2.62
C LEU A 19 -6.03 0.69 -1.96
N LEU A 20 -6.69 -0.38 -2.39
CA LEU A 20 -6.42 -1.71 -1.83
C LEU A 20 -4.95 -2.08 -1.99
N GLY A 21 -4.44 -2.89 -1.06
CA GLY A 21 -3.06 -3.32 -1.14
C GLY A 21 -2.58 -4.00 0.13
N LYS A 22 -1.29 -3.93 0.33
CA LYS A 22 -0.66 -4.54 1.50
C LYS A 22 0.82 -4.20 1.59
N CYS A 23 1.31 -4.05 2.81
CA CYS A 23 2.70 -3.71 3.05
C CYS A 23 3.49 -4.96 3.46
N ILE A 24 4.79 -4.94 3.18
CA ILE A 24 5.66 -6.04 3.51
C ILE A 24 6.95 -5.52 4.10
N GLY A 25 7.68 -6.48 4.59
CA GLY A 25 8.95 -6.28 5.20
C GLY A 25 9.47 -4.92 5.02
N ASP A 26 9.69 -4.72 3.78
CA ASP A 26 10.18 -3.46 3.25
C ASP A 26 9.43 -3.14 1.98
N LYS A 27 8.38 -3.90 1.75
CA LYS A 27 7.57 -3.74 0.59
C LYS A 27 6.28 -3.02 0.90
N CYS A 28 5.63 -2.68 -0.17
CA CYS A 28 4.36 -1.98 -0.13
C CYS A 28 3.82 -1.79 -1.55
N LYS A 29 2.59 -2.24 -1.77
CA LYS A 29 1.97 -2.12 -3.09
C LYS A 29 0.50 -2.53 -3.07
N CYS A 30 -0.28 -1.87 -3.91
CA CYS A 30 -1.70 -2.15 -4.00
C CYS A 30 -1.94 -3.61 -4.40
N TYR A 31 -3.20 -4.03 -4.39
CA TYR A 31 -3.56 -5.36 -4.73
C TYR A 31 -3.75 -5.52 -6.22
N GLY A 32 -2.82 -4.97 -7.00
CA GLY A 32 -2.93 -5.05 -8.44
C GLY A 32 -4.22 -4.43 -8.94
N CYS A 33 -4.85 -3.62 -8.08
CA CYS A 33 -6.10 -2.96 -8.44
C CYS A 33 -7.23 -3.98 -8.57
N ALA A 1 -0.80 -1.08 12.00
CA ALA A 1 -0.12 -2.36 11.71
C ALA A 1 0.45 -2.37 10.29
N PHE A 2 1.15 -3.45 9.94
CA PHE A 2 1.75 -3.57 8.62
C PHE A 2 2.80 -2.50 8.39
N CYS A 3 3.91 -2.88 7.75
CA CYS A 3 5.01 -1.96 7.47
C CYS A 3 4.48 -0.63 6.89
N ASN A 4 4.27 0.35 7.77
CA ASN A 4 3.78 1.65 7.37
C ASN A 4 2.58 1.52 6.43
N LEU A 5 1.40 1.30 7.02
CA LEU A 5 0.18 1.16 6.25
C LEU A 5 -0.31 2.50 5.73
N ARG A 6 -0.74 3.37 6.63
CA ARG A 6 -1.24 4.69 6.26
C ARG A 6 -0.36 5.31 5.17
N MET A 7 0.91 5.51 5.50
CA MET A 7 1.84 6.07 4.55
C MET A 7 1.80 5.30 3.24
N CYS A 8 1.75 3.96 3.34
CA CYS A 8 1.68 3.14 2.16
C CYS A 8 0.47 3.53 1.32
N GLN A 9 -0.65 3.76 2.00
CA GLN A 9 -1.89 4.18 1.34
C GLN A 9 -1.58 5.29 0.36
N LEU A 10 -0.72 6.20 0.80
CA LEU A 10 -0.32 7.31 0.00
C LEU A 10 0.17 6.82 -1.35
N SER A 11 1.13 5.91 -1.28
CA SER A 11 1.71 5.31 -2.49
C SER A 11 0.62 4.72 -3.36
N CYS A 12 -0.48 4.34 -2.74
CA CYS A 12 -1.60 3.79 -3.45
C CYS A 12 -2.36 4.93 -4.11
N ARG A 13 -2.54 6.01 -3.35
CA ARG A 13 -3.23 7.18 -3.85
C ARG A 13 -2.53 7.73 -5.09
N LYS A 14 -1.20 7.75 -5.04
CA LYS A 14 -0.40 8.22 -6.15
C LYS A 14 -0.30 7.15 -7.23
N SER A 15 0.13 5.95 -6.83
CA SER A 15 0.27 4.84 -7.76
C SER A 15 -1.07 4.49 -8.42
N LEU A 16 -2.01 4.01 -7.62
CA LEU A 16 -3.33 3.64 -8.13
C LEU A 16 -4.36 3.54 -6.99
N GLY A 17 -5.54 4.09 -7.22
CA GLY A 17 -6.60 4.08 -6.23
C GLY A 17 -7.20 2.74 -5.96
N CYS A 18 -6.35 1.79 -5.61
CA CYS A 18 -6.86 0.54 -5.20
C CYS A 18 -6.54 0.32 -3.76
N LEU A 19 -7.52 0.67 -3.04
CA LEU A 19 -7.53 0.58 -1.59
C LEU A 19 -6.94 -0.73 -1.09
N LEU A 20 -7.08 -1.78 -1.90
CA LEU A 20 -6.56 -3.10 -1.55
C LEU A 20 -5.04 -3.15 -1.72
N GLY A 21 -4.43 -4.10 -1.03
CA GLY A 21 -3.00 -4.28 -1.10
C GLY A 21 -2.49 -5.24 -0.06
N LYS A 22 -1.23 -5.08 0.27
CA LYS A 22 -0.59 -5.94 1.26
C LYS A 22 0.85 -5.51 1.54
N CYS A 23 1.26 -5.67 2.79
CA CYS A 23 2.61 -5.32 3.21
C CYS A 23 3.45 -6.58 3.42
N ILE A 24 4.75 -6.46 3.23
CA ILE A 24 5.65 -7.57 3.38
C ILE A 24 6.88 -7.15 4.14
N GLY A 25 7.61 -8.17 4.49
CA GLY A 25 8.85 -8.07 5.20
C GLY A 25 9.29 -6.68 5.37
N ASP A 26 9.57 -6.20 4.22
CA ASP A 26 10.01 -4.84 4.02
C ASP A 26 9.37 -4.29 2.78
N LYS A 27 8.38 -5.02 2.27
CA LYS A 27 7.69 -4.63 1.10
C LYS A 27 6.32 -4.12 1.43
N CYS A 28 5.74 -3.57 0.40
CA CYS A 28 4.41 -3.00 0.45
C CYS A 28 3.92 -2.64 -0.94
N LYS A 29 2.67 -2.98 -1.25
CA LYS A 29 2.10 -2.68 -2.56
C LYS A 29 0.61 -2.97 -2.59
N CYS A 30 -0.11 -2.15 -3.34
CA CYS A 30 -1.55 -2.30 -3.47
C CYS A 30 -1.89 -3.64 -4.12
N TYR A 31 -3.16 -3.86 -4.42
CA TYR A 31 -3.60 -5.07 -5.01
C TYR A 31 -3.36 -5.05 -6.52
N GLY A 32 -2.09 -4.89 -6.88
CA GLY A 32 -1.75 -4.82 -8.29
C GLY A 32 -1.98 -3.44 -8.86
N CYS A 33 -2.54 -2.53 -8.05
CA CYS A 33 -2.80 -1.17 -8.51
C CYS A 33 -2.81 -0.19 -7.35
N ALA A 1 4.09 -5.38 13.62
CA ALA A 1 2.72 -5.49 13.06
C ALA A 1 2.49 -4.47 11.97
N PHE A 2 2.49 -4.93 10.72
CA PHE A 2 2.28 -4.06 9.57
C PHE A 2 3.37 -3.00 9.49
N CYS A 3 3.63 -2.51 8.28
CA CYS A 3 4.65 -1.49 8.06
C CYS A 3 4.03 -0.22 7.48
N ASN A 4 3.47 0.60 8.36
CA ASN A 4 2.85 1.86 7.93
C ASN A 4 1.82 1.61 6.84
N LEU A 5 0.61 1.22 7.24
CA LEU A 5 -0.46 0.95 6.30
C LEU A 5 -0.98 2.24 5.69
N ARG A 6 -1.48 3.15 6.51
CA ARG A 6 -2.01 4.42 6.05
C ARG A 6 -1.09 5.00 4.97
N MET A 7 0.14 5.28 5.34
CA MET A 7 1.12 5.82 4.41
C MET A 7 1.16 4.96 3.15
N CYS A 8 1.13 3.65 3.34
CA CYS A 8 1.15 2.73 2.21
C CYS A 8 0.00 3.06 1.27
N GLN A 9 -1.18 3.26 1.86
CA GLN A 9 -2.37 3.61 1.08
C GLN A 9 -2.04 4.71 0.09
N LEU A 10 -1.26 5.67 0.56
CA LEU A 10 -0.82 6.78 -0.26
C LEU A 10 -0.23 6.26 -1.55
N SER A 11 0.74 5.38 -1.39
CA SER A 11 1.43 4.77 -2.53
C SER A 11 0.42 4.28 -3.56
N CYS A 12 -0.72 3.80 -3.07
CA CYS A 12 -1.77 3.32 -3.93
C CYS A 12 -2.47 4.50 -4.59
N ARG A 13 -2.73 5.51 -3.79
CA ARG A 13 -3.39 6.72 -4.27
C ARG A 13 -2.54 7.39 -5.35
N LYS A 14 -1.24 7.49 -5.09
CA LYS A 14 -0.32 8.10 -6.03
C LYS A 14 -0.08 7.17 -7.22
N SER A 15 0.32 5.95 -6.93
CA SER A 15 0.58 4.96 -7.97
C SER A 15 -0.65 4.75 -8.85
N LEU A 16 -1.72 4.25 -8.26
CA LEU A 16 -2.97 4.00 -8.99
C LEU A 16 -4.13 4.76 -8.37
N GLY A 17 -4.76 4.17 -7.35
CA GLY A 17 -5.88 4.81 -6.69
C GLY A 17 -6.77 3.88 -5.98
N CYS A 18 -6.91 2.66 -6.43
CA CYS A 18 -7.74 1.80 -5.66
C CYS A 18 -7.03 1.39 -4.42
N LEU A 19 -7.37 2.12 -3.43
CA LEU A 19 -6.87 1.99 -2.11
C LEU A 19 -7.07 0.57 -1.58
N LEU A 20 -6.04 -0.26 -1.73
CA LEU A 20 -6.07 -1.64 -1.29
C LEU A 20 -4.76 -2.35 -1.65
N GLY A 21 -4.22 -3.08 -0.68
CA GLY A 21 -2.99 -3.80 -0.91
C GLY A 21 -2.42 -4.41 0.35
N LYS A 22 -1.12 -4.60 0.33
CA LYS A 22 -0.41 -5.19 1.47
C LYS A 22 1.02 -4.68 1.55
N CYS A 23 1.49 -4.49 2.77
CA CYS A 23 2.85 -4.00 3.01
C CYS A 23 3.75 -5.13 3.49
N ILE A 24 5.04 -5.00 3.23
CA ILE A 24 6.02 -5.98 3.63
C ILE A 24 7.22 -5.32 4.21
N GLY A 25 8.05 -6.18 4.72
CA GLY A 25 9.30 -5.83 5.32
C GLY A 25 9.67 -4.44 5.09
N ASP A 26 9.88 -4.26 3.83
CA ASP A 26 10.24 -2.98 3.27
C ASP A 26 9.48 -2.80 1.98
N LYS A 27 8.52 -3.68 1.75
CA LYS A 27 7.72 -3.65 0.57
C LYS A 27 6.35 -3.10 0.86
N CYS A 28 5.69 -2.87 -0.23
CA CYS A 28 4.34 -2.34 -0.23
C CYS A 28 3.78 -2.25 -1.65
N LYS A 29 2.57 -2.76 -1.85
CA LYS A 29 1.97 -2.73 -3.18
C LYS A 29 0.48 -3.06 -3.12
N CYS A 30 -0.29 -2.41 -4.00
CA CYS A 30 -1.72 -2.64 -4.07
C CYS A 30 -2.01 -4.05 -4.57
N TYR A 31 -3.28 -4.45 -4.54
CA TYR A 31 -3.67 -5.74 -4.98
C TYR A 31 -3.81 -5.79 -6.49
N GLY A 32 -4.96 -5.36 -6.96
CA GLY A 32 -5.22 -5.31 -8.39
C GLY A 32 -5.54 -3.91 -8.85
N CYS A 33 -5.34 -2.93 -7.97
CA CYS A 33 -5.62 -1.54 -8.30
C CYS A 33 -5.23 -0.62 -7.17
N ALA A 1 0.97 -1.31 13.99
CA ALA A 1 0.49 -2.48 13.23
C ALA A 1 0.90 -2.39 11.76
N PHE A 2 1.46 -3.49 11.24
CA PHE A 2 1.90 -3.53 9.85
C PHE A 2 3.02 -2.52 9.60
N CYS A 3 3.91 -2.85 8.67
CA CYS A 3 5.01 -1.96 8.33
C CYS A 3 4.51 -0.68 7.71
N ASN A 4 4.04 0.23 8.55
CA ASN A 4 3.52 1.52 8.09
C ASN A 4 2.64 1.34 6.86
N LEU A 5 1.41 0.90 7.11
CA LEU A 5 0.44 0.67 6.04
C LEU A 5 -0.24 1.96 5.61
N ARG A 6 -0.75 2.71 6.59
CA ARG A 6 -1.44 3.96 6.32
C ARG A 6 -0.69 4.76 5.27
N MET A 7 0.53 5.14 5.59
CA MET A 7 1.35 5.89 4.65
C MET A 7 1.45 5.17 3.32
N CYS A 8 1.57 3.85 3.38
CA CYS A 8 1.64 3.05 2.16
C CYS A 8 0.42 3.29 1.32
N GLN A 9 -0.75 3.36 1.97
CA GLN A 9 -2.00 3.62 1.28
C GLN A 9 -1.83 4.79 0.33
N LEU A 10 -1.12 5.79 0.81
CA LEU A 10 -0.84 6.97 0.03
C LEU A 10 -0.25 6.57 -1.32
N SER A 11 0.82 5.79 -1.25
CA SER A 11 1.50 5.31 -2.44
C SER A 11 0.50 4.71 -3.42
N CYS A 12 -0.57 4.15 -2.89
CA CYS A 12 -1.60 3.59 -3.71
C CYS A 12 -2.45 4.70 -4.29
N ARG A 13 -2.81 5.65 -3.43
CA ARG A 13 -3.59 6.80 -3.84
C ARG A 13 -2.92 7.52 -5.00
N LYS A 14 -1.60 7.68 -4.89
CA LYS A 14 -0.82 8.34 -5.94
C LYS A 14 -0.56 7.38 -7.09
N SER A 15 0.02 6.23 -6.78
CA SER A 15 0.33 5.23 -7.81
C SER A 15 -0.94 4.75 -8.52
N LEU A 16 -1.81 4.06 -7.79
CA LEU A 16 -3.05 3.54 -8.37
C LEU A 16 -4.24 3.82 -7.46
N GLY A 17 -5.12 4.71 -7.89
CA GLY A 17 -6.30 5.05 -7.11
C GLY A 17 -7.00 3.89 -6.51
N CYS A 18 -6.84 2.70 -7.03
CA CYS A 18 -7.51 1.63 -6.37
C CYS A 18 -6.81 1.31 -5.08
N LEU A 19 -7.39 1.89 -4.10
CA LEU A 19 -6.96 1.79 -2.72
C LEU A 19 -7.02 0.35 -2.23
N LEU A 20 -5.85 -0.28 -2.10
CA LEU A 20 -5.76 -1.67 -1.64
C LEU A 20 -4.35 -2.20 -1.86
N GLY A 21 -3.94 -3.14 -1.02
CA GLY A 21 -2.62 -3.72 -1.14
C GLY A 21 -2.16 -4.43 0.11
N LYS A 22 -0.85 -4.52 0.26
CA LYS A 22 -0.23 -5.18 1.40
C LYS A 22 1.23 -4.78 1.54
N CYS A 23 1.67 -4.64 2.78
CA CYS A 23 3.05 -4.27 3.06
C CYS A 23 3.88 -5.48 3.48
N ILE A 24 5.19 -5.39 3.25
CA ILE A 24 6.10 -6.47 3.59
C ILE A 24 7.31 -5.90 4.27
N GLY A 25 8.06 -6.83 4.78
CA GLY A 25 9.29 -6.58 5.48
C GLY A 25 9.72 -5.19 5.38
N ASP A 26 10.01 -4.93 4.16
CA ASP A 26 10.44 -3.62 3.70
C ASP A 26 9.78 -3.32 2.38
N LYS A 27 8.79 -4.15 2.04
CA LYS A 27 8.07 -3.99 0.83
C LYS A 27 6.70 -3.44 1.06
N CYS A 28 6.12 -3.11 -0.04
CA CYS A 28 4.77 -2.56 -0.09
C CYS A 28 4.29 -2.41 -1.53
N LYS A 29 3.06 -2.85 -1.78
CA LYS A 29 2.50 -2.77 -3.12
C LYS A 29 0.99 -2.99 -3.09
N CYS A 30 0.29 -2.27 -3.97
CA CYS A 30 -1.17 -2.39 -4.05
C CYS A 30 -1.57 -3.78 -4.53
N TYR A 31 -2.86 -4.06 -4.51
CA TYR A 31 -3.37 -5.33 -4.91
C TYR A 31 -3.71 -5.33 -6.40
N GLY A 32 -3.00 -4.52 -7.18
CA GLY A 32 -3.28 -4.44 -8.59
C GLY A 32 -4.71 -3.99 -8.87
N CYS A 33 -5.33 -3.37 -7.86
CA CYS A 33 -6.70 -2.89 -7.99
C CYS A 33 -7.66 -4.05 -8.21
N ALA A 1 2.88 -3.01 14.87
CA ALA A 1 2.78 -4.01 13.76
C ALA A 1 2.64 -3.31 12.41
N PHE A 2 2.60 -4.11 11.35
CA PHE A 2 2.47 -3.56 10.00
C PHE A 2 3.64 -2.67 9.66
N CYS A 3 3.91 -2.53 8.36
CA CYS A 3 5.01 -1.70 7.89
C CYS A 3 4.49 -0.43 7.20
N ASN A 4 4.15 0.57 8.02
CA ASN A 4 3.64 1.83 7.50
C ASN A 4 2.50 1.60 6.51
N LEU A 5 1.31 1.36 7.06
CA LEU A 5 0.13 1.12 6.23
C LEU A 5 -0.42 2.42 5.65
N ARG A 6 -0.93 3.28 6.53
CA ARG A 6 -1.48 4.57 6.10
C ARG A 6 -0.61 5.21 5.03
N MET A 7 0.63 5.48 5.39
CA MET A 7 1.56 6.08 4.45
C MET A 7 1.59 5.28 3.15
N CYS A 8 1.60 3.96 3.28
CA CYS A 8 1.60 3.10 2.11
C CYS A 8 0.38 3.42 1.25
N GLN A 9 -0.77 3.58 1.92
CA GLN A 9 -2.01 3.91 1.23
C GLN A 9 -1.77 5.04 0.25
N LEU A 10 -0.98 6.01 0.69
CA LEU A 10 -0.64 7.14 -0.11
C LEU A 10 -0.11 6.69 -1.45
N SER A 11 0.90 5.83 -1.39
CA SER A 11 1.51 5.28 -2.59
C SER A 11 0.45 4.69 -3.50
N CYS A 12 -0.56 4.08 -2.90
CA CYS A 12 -1.65 3.50 -3.64
C CYS A 12 -2.45 4.61 -4.32
N ARG A 13 -2.68 5.67 -3.55
CA ARG A 13 -3.42 6.81 -4.06
C ARG A 13 -2.60 7.57 -5.09
N LYS A 14 -1.27 7.52 -4.96
CA LYS A 14 -0.38 8.18 -5.88
C LYS A 14 -0.25 7.41 -7.18
N SER A 15 0.35 6.22 -7.11
CA SER A 15 0.54 5.37 -8.25
C SER A 15 -0.79 5.04 -8.93
N LEU A 16 -1.67 4.34 -8.23
CA LEU A 16 -2.97 3.96 -8.80
C LEU A 16 -4.13 4.53 -7.97
N GLY A 17 -4.64 3.75 -7.02
CA GLY A 17 -5.74 4.23 -6.21
C GLY A 17 -6.57 3.14 -5.61
N CYS A 18 -6.39 1.90 -6.01
CA CYS A 18 -7.17 0.91 -5.33
C CYS A 18 -6.58 0.62 -4.00
N LEU A 19 -7.17 1.28 -3.09
CA LEU A 19 -6.85 1.22 -1.67
C LEU A 19 -6.37 -0.16 -1.24
N LEU A 20 -6.95 -1.20 -1.84
CA LEU A 20 -6.58 -2.57 -1.51
C LEU A 20 -5.08 -2.80 -1.73
N GLY A 21 -4.52 -3.75 -0.98
CA GLY A 21 -3.11 -4.05 -1.10
C GLY A 21 -2.60 -4.91 0.03
N LYS A 22 -1.32 -4.79 0.28
CA LYS A 22 -0.67 -5.55 1.35
C LYS A 22 0.77 -5.11 1.56
N CYS A 23 1.21 -5.21 2.80
CA CYS A 23 2.57 -4.82 3.17
C CYS A 23 3.39 -6.04 3.56
N ILE A 24 4.69 -5.97 3.38
CA ILE A 24 5.59 -7.06 3.70
C ILE A 24 6.80 -6.54 4.41
N GLY A 25 7.55 -7.50 4.86
CA GLY A 25 8.78 -7.30 5.55
C GLY A 25 9.25 -5.92 5.48
N ASP A 26 9.54 -5.63 4.27
CA ASP A 26 10.00 -4.34 3.85
C ASP A 26 9.33 -3.97 2.55
N LYS A 27 8.32 -4.77 2.19
CA LYS A 27 7.60 -4.55 0.99
C LYS A 27 6.26 -3.93 1.26
N CYS A 28 5.68 -3.54 0.16
CA CYS A 28 4.37 -2.91 0.14
C CYS A 28 3.88 -2.70 -1.28
N LYS A 29 2.63 -3.06 -1.54
CA LYS A 29 2.07 -2.91 -2.88
C LYS A 29 0.57 -3.17 -2.89
N CYS A 30 -0.14 -2.40 -3.70
CA CYS A 30 -1.58 -2.54 -3.82
C CYS A 30 -1.95 -3.89 -4.41
N TYR A 31 -3.24 -4.19 -4.44
CA TYR A 31 -3.72 -5.43 -4.96
C TYR A 31 -3.76 -5.38 -6.48
N GLY A 32 -2.59 -5.18 -7.07
CA GLY A 32 -2.51 -5.08 -8.51
C GLY A 32 -2.86 -3.69 -8.99
N CYS A 33 -3.26 -2.82 -8.06
CA CYS A 33 -3.63 -1.45 -8.40
C CYS A 33 -2.51 -0.48 -8.01
#